data_6V40
#
_entry.id   6V40
#
_cell.length_a   136.985
_cell.length_b   138.607
_cell.length_c   135.199
_cell.angle_alpha   90.000
_cell.angle_beta   90.000
_cell.angle_gamma   90.000
#
_symmetry.space_group_name_H-M   'C 2 2 21'
#
loop_
_entity.id
_entity.type
_entity.pdbx_description
1 polymer 'PG_binding_3 domain-containing protein'
2 non-polymer '2,6-DIAMINOPIMELIC ACID'
3 non-polymer 2-AMINO-2-HYDROXYMETHYL-PROPANE-1,3-DIOL
4 water water
#
_entity_poly.entity_id   1
_entity_poly.type   'polypeptide(L)'
_entity_poly.pdbx_seq_one_letter_code
;GSSHHHHHHSSGLVPRGSTKDEIFAAILSREGGYVDHPDDRGGPTHWGITLTTARANGYMGDMRNLTRNQALKILEADYW
YGPRLDQVAIISHSIAAELCDTGVNMGPSIPIKYFQRWLNVFNDQQKIYPDLIADGQIGPRTLSALTFFLSHRRDEGEMI
LIRALNCSQGQRYLELAEKRQANESFVYGWIKERVRL
;
_entity_poly.pdbx_strand_id   A,B,C,D
#
# COMPACT_ATOMS: atom_id res chain seq x y z
N HIS A 5 5.37 -18.03 -34.18
CA HIS A 5 6.42 -17.34 -34.99
C HIS A 5 6.45 -15.82 -34.70
N HIS A 6 5.71 -15.28 -33.71
CA HIS A 6 5.35 -13.82 -33.68
C HIS A 6 6.32 -12.95 -32.83
N HIS A 7 6.98 -12.01 -33.52
CA HIS A 7 7.85 -10.96 -32.94
C HIS A 7 6.94 -9.94 -32.22
N HIS A 8 7.01 -9.93 -30.89
CA HIS A 8 6.58 -8.76 -30.08
C HIS A 8 7.83 -8.03 -29.57
N HIS A 9 7.74 -7.37 -28.42
CA HIS A 9 8.81 -6.45 -27.94
C HIS A 9 9.11 -6.67 -26.46
N SER A 10 9.61 -7.86 -26.07
CA SER A 10 9.90 -8.25 -24.65
C SER A 10 11.38 -7.98 -24.38
N SER A 11 11.91 -6.89 -24.94
CA SER A 11 13.37 -6.57 -25.08
C SER A 11 13.86 -5.70 -23.90
N GLY A 12 12.94 -4.96 -23.24
CA GLY A 12 13.25 -4.05 -22.12
C GLY A 12 11.99 -3.63 -21.37
N LEU A 13 12.20 -2.85 -20.32
CA LEU A 13 11.10 -2.51 -19.39
C LEU A 13 11.03 -1.00 -19.30
N VAL A 14 9.83 -0.47 -19.16
CA VAL A 14 9.68 0.98 -18.89
C VAL A 14 9.25 1.15 -17.45
N PRO A 15 9.57 2.28 -16.82
CA PRO A 15 9.16 2.53 -15.45
C PRO A 15 7.65 2.46 -15.27
N ARG A 16 7.22 2.06 -14.08
CA ARG A 16 5.77 2.06 -13.77
C ARG A 16 5.25 3.49 -13.87
N GLY A 17 4.06 3.66 -14.43
CA GLY A 17 3.48 5.01 -14.60
C GLY A 17 3.81 5.60 -15.95
N SER A 18 4.58 4.87 -16.76
CA SER A 18 4.94 5.36 -18.10
C SER A 18 3.69 5.41 -18.96
N THR A 19 3.65 6.38 -19.88
CA THR A 19 2.47 6.60 -20.77
C THR A 19 2.61 5.77 -22.04
N LYS A 20 1.52 5.70 -22.81
CA LYS A 20 1.56 5.12 -24.18
C LYS A 20 2.76 5.71 -24.95
N ASP A 21 2.92 7.05 -25.04
CA ASP A 21 4.03 7.68 -25.80
C ASP A 21 5.39 7.18 -25.32
N GLU A 22 5.56 7.06 -24.02
CA GLU A 22 6.85 6.60 -23.46
C GLU A 22 7.06 5.10 -23.76
N ILE A 23 5.99 4.30 -23.72
CA ILE A 23 6.13 2.84 -24.01
C ILE A 23 6.65 2.69 -25.43
N PHE A 24 6.05 3.39 -26.38
CA PHE A 24 6.42 3.27 -27.82
C PHE A 24 7.78 3.93 -28.05
N ALA A 25 8.08 5.08 -27.43
CA ALA A 25 9.40 5.74 -27.53
C ALA A 25 10.48 4.73 -27.07
N ALA A 26 10.25 4.01 -25.98
CA ALA A 26 11.24 3.05 -25.45
C ALA A 26 11.43 1.92 -26.47
N ILE A 27 10.40 1.46 -27.15
CA ILE A 27 10.56 0.41 -28.18
C ILE A 27 11.40 0.99 -29.32
N LEU A 28 11.10 2.18 -29.80
CA LEU A 28 11.85 2.78 -30.94
C LEU A 28 13.32 3.06 -30.57
N SER A 29 13.65 3.29 -29.31
CA SER A 29 15.06 3.52 -28.85
C SER A 29 15.77 2.16 -28.73
N ARG A 30 15.25 1.25 -27.92
CA ARG A 30 15.88 -0.07 -27.68
C ARG A 30 15.95 -0.90 -28.98
N GLU A 31 15.12 -0.67 -29.98
CA GLU A 31 15.10 -1.50 -31.21
C GLU A 31 15.29 -0.55 -32.41
N GLY A 32 15.97 0.58 -32.21
CA GLY A 32 16.24 1.62 -33.24
C GLY A 32 17.01 1.06 -34.43
N GLY A 33 16.67 1.49 -35.65
CA GLY A 33 17.32 1.08 -36.91
C GLY A 33 17.21 -0.41 -37.16
N TYR A 34 18.15 -0.96 -37.95
CA TYR A 34 18.12 -2.36 -38.43
C TYR A 34 18.64 -3.25 -37.31
N VAL A 35 17.94 -4.35 -37.02
CA VAL A 35 18.34 -5.39 -36.03
C VAL A 35 17.99 -6.75 -36.63
N ASP A 36 18.95 -7.64 -36.80
CA ASP A 36 18.71 -8.96 -37.43
C ASP A 36 18.06 -9.88 -36.39
N HIS A 37 17.21 -10.80 -36.86
CA HIS A 37 16.60 -11.90 -36.06
C HIS A 37 16.45 -13.10 -37.00
N PRO A 38 16.41 -14.35 -36.49
CA PRO A 38 16.23 -15.52 -37.37
C PRO A 38 14.89 -15.52 -38.11
N ASP A 39 14.78 -16.14 -39.28
CA ASP A 39 13.55 -16.24 -40.10
C ASP A 39 12.36 -16.78 -39.29
N ASP A 40 12.58 -17.69 -38.32
CA ASP A 40 11.49 -18.30 -37.51
C ASP A 40 10.96 -17.30 -36.45
N ARG A 41 11.47 -16.07 -36.40
CA ARG A 41 11.10 -15.01 -35.42
C ARG A 41 10.57 -13.76 -36.15
N GLY A 42 10.15 -13.88 -37.42
CA GLY A 42 9.71 -12.76 -38.27
C GLY A 42 10.84 -12.13 -39.06
N GLY A 43 12.06 -12.64 -38.92
CA GLY A 43 13.27 -12.10 -39.57
C GLY A 43 13.68 -10.71 -39.06
N PRO A 44 14.43 -9.94 -39.86
CA PRO A 44 14.98 -8.66 -39.39
C PRO A 44 13.93 -7.54 -39.16
N THR A 45 14.19 -6.69 -38.18
CA THR A 45 13.38 -5.49 -37.83
C THR A 45 14.09 -4.21 -38.25
N HIS A 46 13.32 -3.19 -38.62
CA HIS A 46 13.70 -1.76 -38.76
C HIS A 46 12.81 -0.95 -37.82
N TRP A 47 13.38 -0.34 -36.77
CA TRP A 47 12.63 0.40 -35.73
C TRP A 47 11.65 -0.55 -35.04
N GLY A 48 12.03 -1.83 -34.94
CA GLY A 48 11.25 -2.87 -34.26
C GLY A 48 10.17 -3.48 -35.15
N ILE A 49 10.05 -3.05 -36.40
CA ILE A 49 8.97 -3.52 -37.31
C ILE A 49 9.50 -4.63 -38.22
N THR A 50 8.87 -5.82 -38.25
CA THR A 50 9.22 -6.91 -39.20
C THR A 50 8.64 -6.55 -40.56
N LEU A 51 9.13 -7.18 -41.62
CA LEU A 51 8.57 -7.01 -43.00
C LEU A 51 7.08 -7.40 -42.96
N THR A 52 6.72 -8.52 -42.31
CA THR A 52 5.31 -8.99 -42.28
C THR A 52 4.44 -7.91 -41.60
N THR A 53 4.88 -7.37 -40.45
CA THR A 53 4.12 -6.37 -39.66
C THR A 53 3.95 -5.11 -40.50
N ALA A 54 4.98 -4.67 -41.21
CA ALA A 54 4.93 -3.45 -42.04
C ALA A 54 3.93 -3.66 -43.18
N ARG A 55 4.03 -4.80 -43.83
CA ARG A 55 3.16 -5.07 -45.02
C ARG A 55 1.72 -5.23 -44.52
N ALA A 56 1.50 -5.87 -43.36
CA ALA A 56 0.14 -6.11 -42.82
C ALA A 56 -0.51 -4.76 -42.52
N ASN A 57 0.29 -3.73 -42.26
CA ASN A 57 -0.18 -2.38 -41.91
C ASN A 57 -0.10 -1.44 -43.10
N GLY A 58 0.22 -1.93 -44.30
CA GLY A 58 0.14 -1.15 -45.54
C GLY A 58 1.42 -0.38 -45.92
N TYR A 59 2.56 -0.60 -45.27
CA TYR A 59 3.83 -0.09 -45.81
C TYR A 59 4.28 -0.99 -46.95
N MET A 60 4.29 -0.49 -48.19
CA MET A 60 4.66 -1.28 -49.40
C MET A 60 6.08 -0.90 -49.87
N GLY A 61 6.79 -0.02 -49.16
CA GLY A 61 8.12 0.45 -49.54
C GLY A 61 9.23 -0.53 -49.17
N ASP A 62 10.48 -0.12 -49.41
CA ASP A 62 11.71 -0.84 -49.00
C ASP A 62 11.91 -0.65 -47.49
N MET A 63 12.24 -1.72 -46.79
CA MET A 63 12.29 -1.71 -45.31
C MET A 63 13.45 -0.81 -44.85
N ARG A 64 14.45 -0.56 -45.71
CA ARG A 64 15.58 0.31 -45.30
C ARG A 64 15.13 1.78 -45.30
N ASN A 65 14.08 2.13 -46.02
CA ASN A 65 13.53 3.50 -46.05
C ASN A 65 12.42 3.73 -45.02
N LEU A 66 12.08 2.73 -44.18
CA LEU A 66 10.99 2.94 -43.18
C LEU A 66 11.48 3.98 -42.17
N THR A 67 10.79 5.09 -42.02
CA THR A 67 11.18 6.15 -41.05
C THR A 67 10.71 5.75 -39.63
N ARG A 68 11.36 6.31 -38.62
CA ARG A 68 10.96 6.19 -37.22
C ARG A 68 9.48 6.61 -37.09
N ASN A 69 9.05 7.67 -37.77
CA ASN A 69 7.66 8.13 -37.63
C ASN A 69 6.68 7.10 -38.20
N GLN A 70 7.02 6.45 -39.32
CA GLN A 70 6.13 5.43 -39.92
C GLN A 70 6.05 4.21 -38.97
N ALA A 71 7.16 3.83 -38.37
CA ALA A 71 7.26 2.73 -37.40
C ALA A 71 6.35 3.02 -36.21
N LEU A 72 6.32 4.25 -35.73
CA LEU A 72 5.50 4.65 -34.57
C LEU A 72 4.03 4.46 -34.94
N LYS A 73 3.62 4.86 -36.13
CA LYS A 73 2.20 4.67 -36.55
C LYS A 73 1.87 3.17 -36.59
N ILE A 74 2.80 2.34 -37.01
CA ILE A 74 2.56 0.88 -37.12
C ILE A 74 2.45 0.30 -35.70
N LEU A 75 3.32 0.68 -34.78
CA LEU A 75 3.25 0.24 -33.37
C LEU A 75 1.91 0.66 -32.78
N GLU A 76 1.52 1.91 -32.99
CA GLU A 76 0.24 2.41 -32.45
C GLU A 76 -0.93 1.66 -33.08
N ALA A 77 -0.85 1.29 -34.35
CA ALA A 77 -1.96 0.56 -34.99
C ALA A 77 -2.06 -0.81 -34.31
N ASP A 78 -0.95 -1.51 -34.11
CA ASP A 78 -1.04 -2.92 -33.62
C ASP A 78 -1.36 -2.90 -32.11
N TYR A 79 -0.85 -1.94 -31.32
CA TYR A 79 -0.77 -2.08 -29.84
C TYR A 79 -1.58 -1.03 -29.11
N TRP A 80 -2.21 -0.09 -29.80
CA TRP A 80 -3.02 0.97 -29.17
C TRP A 80 -4.37 1.08 -29.89
N TYR A 81 -4.42 1.52 -31.16
CA TYR A 81 -5.69 1.77 -31.89
C TYR A 81 -6.35 0.46 -32.24
N GLY A 82 -5.58 -0.50 -32.71
CA GLY A 82 -6.13 -1.82 -33.10
C GLY A 82 -6.92 -2.44 -31.97
N PRO A 83 -6.32 -2.61 -30.80
CA PRO A 83 -7.04 -3.17 -29.66
C PRO A 83 -7.99 -2.20 -28.93
N ARG A 84 -8.13 -0.95 -29.43
CA ARG A 84 -9.00 0.09 -28.85
C ARG A 84 -8.63 0.52 -27.42
N LEU A 85 -7.35 0.55 -27.12
CA LEU A 85 -6.84 1.08 -25.84
C LEU A 85 -7.03 2.61 -25.79
N ASP A 86 -7.22 3.26 -26.93
CA ASP A 86 -7.60 4.70 -26.99
C ASP A 86 -8.97 4.85 -26.33
N GLN A 87 -9.89 3.92 -26.54
CA GLN A 87 -11.23 4.01 -25.93
C GLN A 87 -11.12 3.66 -24.45
N VAL A 88 -10.24 2.71 -24.10
CA VAL A 88 -10.11 2.36 -22.68
C VAL A 88 -9.59 3.62 -21.94
N ALA A 89 -8.60 4.29 -22.53
CA ALA A 89 -7.88 5.46 -21.95
C ALA A 89 -8.85 6.60 -21.59
N ILE A 90 -9.91 6.80 -22.34
CA ILE A 90 -10.96 7.80 -22.02
C ILE A 90 -11.54 7.50 -20.63
N ILE A 91 -11.68 6.23 -20.26
CA ILE A 91 -12.27 5.85 -18.95
C ILE A 91 -11.15 5.80 -17.88
N SER A 92 -9.96 5.30 -18.19
CA SER A 92 -8.84 5.09 -17.24
C SER A 92 -7.53 5.11 -18.02
N HIS A 93 -6.72 6.14 -17.82
CA HIS A 93 -5.40 6.27 -18.47
C HIS A 93 -4.51 5.16 -17.91
N SER A 94 -4.60 4.86 -16.63
CA SER A 94 -3.65 3.96 -15.97
C SER A 94 -3.98 2.51 -16.42
N ILE A 95 -5.24 2.12 -16.54
CA ILE A 95 -5.57 0.76 -17.04
C ILE A 95 -5.14 0.62 -18.50
N ALA A 96 -5.39 1.63 -19.33
CA ALA A 96 -5.00 1.59 -20.77
C ALA A 96 -3.48 1.44 -20.92
N ALA A 97 -2.72 2.23 -20.17
CA ALA A 97 -1.24 2.17 -20.17
C ALA A 97 -0.76 0.79 -19.72
N GLU A 98 -1.41 0.18 -18.72
CA GLU A 98 -0.98 -1.16 -18.24
C GLU A 98 -1.25 -2.23 -19.31
N LEU A 99 -2.45 -2.20 -19.88
CA LEU A 99 -2.81 -3.14 -20.98
C LEU A 99 -1.82 -2.96 -22.14
N CYS A 100 -1.39 -1.73 -22.42
CA CYS A 100 -0.53 -1.43 -23.57
C CYS A 100 0.87 -2.01 -23.30
N ASP A 101 1.41 -1.77 -22.11
CA ASP A 101 2.76 -2.26 -21.71
C ASP A 101 2.79 -3.80 -21.80
N THR A 102 1.77 -4.48 -21.30
CA THR A 102 1.74 -5.97 -21.39
C THR A 102 1.51 -6.40 -22.83
N GLY A 103 0.70 -5.64 -23.57
CA GLY A 103 0.37 -5.98 -24.97
C GLY A 103 1.57 -6.00 -25.87
N VAL A 104 2.51 -5.08 -25.68
CA VAL A 104 3.69 -4.99 -26.57
C VAL A 104 4.63 -6.18 -26.33
N ASN A 105 4.52 -6.83 -25.17
CA ASN A 105 5.42 -7.95 -24.83
C ASN A 105 4.77 -9.31 -25.10
N MET A 106 3.44 -9.38 -25.00
N MET A 106 3.44 -9.38 -25.00
CA MET A 106 2.75 -10.69 -25.14
CA MET A 106 2.75 -10.69 -25.14
C MET A 106 1.76 -10.67 -26.30
C MET A 106 1.77 -10.67 -26.30
N GLY A 107 1.44 -9.50 -26.83
CA GLY A 107 0.41 -9.42 -27.87
C GLY A 107 -0.89 -9.03 -27.18
N PRO A 108 -1.69 -8.00 -27.67
CA PRO A 108 -2.72 -7.30 -26.89
C PRO A 108 -3.86 -8.19 -26.38
N SER A 109 -4.19 -9.30 -27.06
CA SER A 109 -5.35 -10.11 -26.68
C SER A 109 -5.09 -10.79 -25.33
N ILE A 110 -3.84 -11.14 -25.05
CA ILE A 110 -3.52 -11.85 -23.79
C ILE A 110 -4.04 -11.02 -22.62
N PRO A 111 -3.52 -9.76 -22.32
CA PRO A 111 -3.91 -8.94 -21.14
C PRO A 111 -5.38 -8.55 -21.22
N ILE A 112 -5.94 -8.39 -22.43
CA ILE A 112 -7.35 -7.97 -22.53
C ILE A 112 -8.23 -9.11 -22.06
N LYS A 113 -7.90 -10.36 -22.38
CA LYS A 113 -8.73 -11.48 -21.88
C LYS A 113 -8.63 -11.54 -20.35
N TYR A 114 -7.45 -11.42 -19.78
CA TYR A 114 -7.31 -11.37 -18.29
C TYR A 114 -8.15 -10.24 -17.72
N PHE A 115 -8.12 -9.10 -18.38
CA PHE A 115 -8.90 -7.90 -17.98
C PHE A 115 -10.38 -8.26 -17.92
N GLN A 116 -10.89 -8.88 -18.97
CA GLN A 116 -12.31 -9.27 -19.01
C GLN A 116 -12.59 -10.29 -17.91
N ARG A 117 -11.71 -11.28 -17.69
CA ARG A 117 -11.99 -12.31 -16.68
C ARG A 117 -12.05 -11.64 -15.29
N TRP A 118 -11.11 -10.73 -15.02
CA TRP A 118 -11.12 -10.03 -13.70
C TRP A 118 -12.37 -9.14 -13.55
N LEU A 119 -12.80 -8.44 -14.60
CA LEU A 119 -14.06 -7.66 -14.51
C LEU A 119 -15.22 -8.59 -14.19
N ASN A 120 -15.26 -9.82 -14.77
CA ASN A 120 -16.32 -10.82 -14.44
C ASN A 120 -16.28 -11.16 -12.95
N VAL A 121 -15.12 -11.40 -12.37
CA VAL A 121 -15.10 -11.82 -10.94
C VAL A 121 -15.58 -10.63 -10.09
N PHE A 122 -15.22 -9.40 -10.39
CA PHE A 122 -15.59 -8.21 -9.55
C PHE A 122 -17.00 -7.67 -9.85
N ASN A 123 -17.81 -8.32 -10.67
CA ASN A 123 -19.17 -7.84 -10.99
C ASN A 123 -20.18 -8.36 -9.96
N ASP A 124 -19.73 -9.06 -8.92
CA ASP A 124 -20.59 -9.51 -7.78
C ASP A 124 -21.77 -10.35 -8.28
N GLN A 125 -21.51 -11.51 -8.87
CA GLN A 125 -22.56 -12.44 -9.35
C GLN A 125 -23.50 -11.72 -10.33
N GLN A 126 -22.96 -10.80 -11.15
CA GLN A 126 -23.68 -10.05 -12.20
C GLN A 126 -24.72 -9.05 -11.63
N LYS A 127 -24.57 -8.57 -10.38
CA LYS A 127 -25.42 -7.48 -9.86
C LYS A 127 -25.01 -6.12 -10.48
N ILE A 128 -23.71 -5.84 -10.65
CA ILE A 128 -23.17 -4.51 -11.09
C ILE A 128 -23.23 -4.35 -12.64
N TYR A 129 -23.10 -5.46 -13.38
CA TYR A 129 -23.05 -5.61 -14.86
C TYR A 129 -23.00 -7.11 -15.17
N PRO A 130 -23.49 -7.57 -16.33
CA PRO A 130 -23.41 -9.00 -16.69
C PRO A 130 -21.98 -9.43 -17.09
N ASP A 131 -21.75 -10.74 -17.09
CA ASP A 131 -20.45 -11.37 -17.43
C ASP A 131 -20.14 -11.05 -18.89
N LEU A 132 -18.90 -10.68 -19.15
CA LEU A 132 -18.38 -10.50 -20.52
C LEU A 132 -17.96 -11.86 -21.05
N ILE A 133 -18.01 -12.01 -22.36
CA ILE A 133 -17.25 -13.05 -23.07
C ILE A 133 -15.80 -12.62 -23.02
N ALA A 134 -14.91 -13.49 -22.60
CA ALA A 134 -13.46 -13.23 -22.57
C ALA A 134 -12.92 -13.44 -23.99
N ASP A 135 -13.21 -12.55 -24.93
CA ASP A 135 -12.82 -12.78 -26.35
C ASP A 135 -11.53 -12.03 -26.62
N GLY A 136 -11.03 -11.22 -25.68
CA GLY A 136 -9.80 -10.46 -25.99
C GLY A 136 -10.07 -9.19 -26.77
N GLN A 137 -11.33 -8.83 -26.96
CA GLN A 137 -11.69 -7.72 -27.89
C GLN A 137 -12.42 -6.63 -27.08
N ILE A 138 -11.85 -5.43 -27.07
CA ILE A 138 -12.48 -4.26 -26.41
C ILE A 138 -13.59 -3.75 -27.32
N GLY A 139 -14.82 -3.77 -26.87
CA GLY A 139 -15.97 -3.15 -27.53
C GLY A 139 -16.88 -2.52 -26.49
N PRO A 140 -18.03 -1.99 -26.93
CA PRO A 140 -18.97 -1.33 -26.03
C PRO A 140 -19.27 -2.05 -24.72
N ARG A 141 -19.41 -3.38 -24.76
CA ARG A 141 -19.76 -4.15 -23.55
C ARG A 141 -18.62 -4.06 -22.53
N THR A 142 -17.39 -4.27 -22.95
CA THR A 142 -16.24 -4.27 -22.04
C THR A 142 -16.09 -2.86 -21.47
N LEU A 143 -16.20 -1.84 -22.31
CA LEU A 143 -16.10 -0.42 -21.89
C LEU A 143 -17.21 -0.12 -20.89
N SER A 144 -18.44 -0.57 -21.15
CA SER A 144 -19.55 -0.33 -20.18
C SER A 144 -19.28 -1.08 -18.87
N ALA A 145 -18.73 -2.28 -18.93
CA ALA A 145 -18.37 -3.02 -17.70
C ALA A 145 -17.33 -2.26 -16.91
N LEU A 146 -16.28 -1.77 -17.55
CA LEU A 146 -15.24 -1.00 -16.84
C LEU A 146 -15.89 0.26 -16.21
N THR A 147 -16.79 0.93 -16.94
CA THR A 147 -17.47 2.17 -16.48
C THR A 147 -18.25 1.84 -15.19
N PHE A 148 -19.03 0.75 -15.17
CA PHE A 148 -19.83 0.39 -13.97
C PHE A 148 -18.92 -0.08 -12.84
N PHE A 149 -17.85 -0.80 -13.13
CA PHE A 149 -16.90 -1.21 -12.07
C PHE A 149 -16.30 0.02 -11.39
N LEU A 150 -15.85 0.98 -12.16
CA LEU A 150 -15.19 2.18 -11.60
C LEU A 150 -16.20 3.10 -10.90
N SER A 151 -17.46 3.06 -11.30
CA SER A 151 -18.50 3.85 -10.60
C SER A 151 -18.70 3.28 -9.20
N HIS A 152 -18.66 1.95 -9.07
CA HIS A 152 -18.92 1.30 -7.77
C HIS A 152 -17.67 1.23 -6.89
N ARG A 153 -16.48 1.00 -7.47
CA ARG A 153 -15.26 0.79 -6.65
C ARG A 153 -14.33 2.00 -6.70
N ARG A 154 -14.58 2.93 -7.62
CA ARG A 154 -13.78 4.18 -7.70
C ARG A 154 -12.30 3.92 -7.96
N ASP A 155 -11.40 4.72 -7.38
CA ASP A 155 -9.96 4.65 -7.71
C ASP A 155 -9.30 3.43 -7.07
N GLU A 156 -9.81 3.01 -5.91
CA GLU A 156 -9.32 1.78 -5.25
C GLU A 156 -9.47 0.63 -6.26
N GLY A 157 -10.64 0.53 -6.87
CA GLY A 157 -10.89 -0.51 -7.90
C GLY A 157 -9.89 -0.47 -9.02
N GLU A 158 -9.58 0.72 -9.53
CA GLU A 158 -8.60 0.89 -10.63
C GLU A 158 -7.28 0.24 -10.23
N MET A 159 -6.75 0.63 -9.07
CA MET A 159 -5.46 0.08 -8.62
C MET A 159 -5.54 -1.44 -8.42
N ILE A 160 -6.64 -1.91 -7.86
CA ILE A 160 -6.83 -3.38 -7.61
C ILE A 160 -6.84 -4.13 -8.94
N LEU A 161 -7.52 -3.59 -9.95
CA LEU A 161 -7.59 -4.23 -11.27
C LEU A 161 -6.19 -4.25 -11.90
N ILE A 162 -5.38 -3.23 -11.69
CA ILE A 162 -4.00 -3.23 -12.25
C ILE A 162 -3.17 -4.32 -11.58
N ARG A 163 -3.28 -4.44 -10.26
CA ARG A 163 -2.56 -5.47 -9.48
C ARG A 163 -3.05 -6.86 -9.91
N ALA A 164 -4.37 -6.99 -10.13
CA ALA A 164 -4.92 -8.26 -10.58
C ALA A 164 -4.30 -8.64 -11.95
N LEU A 165 -4.28 -7.71 -12.88
CA LEU A 165 -3.57 -7.89 -14.17
C LEU A 165 -2.10 -8.29 -13.99
N ASN A 166 -1.38 -7.65 -13.08
CA ASN A 166 0.03 -8.01 -12.81
C ASN A 166 0.13 -9.47 -12.33
N CYS A 167 -0.81 -9.91 -11.50
CA CYS A 167 -0.82 -11.31 -11.00
C CYS A 167 -0.94 -12.27 -12.18
N SER A 168 -1.94 -12.07 -13.04
CA SER A 168 -2.14 -12.92 -14.24
C SER A 168 -0.83 -12.94 -15.06
N GLN A 169 -0.25 -11.77 -15.36
CA GLN A 169 0.99 -11.70 -16.16
C GLN A 169 2.15 -12.41 -15.46
N GLY A 170 2.30 -12.17 -14.15
CA GLY A 170 3.40 -12.80 -13.39
C GLY A 170 3.34 -14.33 -13.47
N GLN A 171 2.17 -14.89 -13.29
CA GLN A 171 2.01 -16.33 -13.34
C GLN A 171 2.26 -16.80 -14.77
N ARG A 172 1.87 -16.01 -15.78
CA ARG A 172 2.14 -16.39 -17.19
C ARG A 172 3.65 -16.43 -17.42
N TYR A 173 4.37 -15.48 -16.84
CA TYR A 173 5.85 -15.45 -16.99
C TYR A 173 6.46 -16.69 -16.33
N LEU A 174 5.84 -17.22 -15.27
CA LEU A 174 6.41 -18.42 -14.64
C LEU A 174 6.32 -19.55 -15.67
N GLU A 175 5.14 -19.72 -16.25
CA GLU A 175 4.84 -20.82 -17.22
C GLU A 175 5.71 -20.68 -18.46
N LEU A 176 5.90 -19.45 -18.96
CA LEU A 176 6.79 -19.22 -20.12
C LEU A 176 8.24 -19.55 -19.76
N ALA A 177 8.73 -19.00 -18.65
CA ALA A 177 10.12 -19.26 -18.25
C ALA A 177 10.36 -20.77 -18.12
N GLU A 178 9.37 -21.52 -17.64
CA GLU A 178 9.50 -22.98 -17.46
C GLU A 178 9.64 -23.66 -18.84
N LYS A 179 8.96 -23.16 -19.87
CA LYS A 179 9.05 -23.72 -21.24
C LYS A 179 10.19 -23.03 -22.03
N ARG A 180 11.08 -22.27 -21.40
CA ARG A 180 12.18 -21.53 -22.07
C ARG A 180 11.65 -20.51 -23.09
N GLN A 181 10.40 -20.04 -22.98
CA GLN A 181 9.80 -19.05 -23.90
C GLN A 181 9.85 -17.65 -23.26
N ALA A 182 10.60 -17.44 -22.17
CA ALA A 182 10.82 -16.10 -21.60
C ALA A 182 12.16 -16.13 -20.87
N ASN A 183 12.87 -15.02 -20.97
CA ASN A 183 14.20 -14.82 -20.35
C ASN A 183 13.99 -14.63 -18.83
N GLU A 184 14.76 -15.35 -18.01
CA GLU A 184 14.56 -15.36 -16.54
C GLU A 184 15.01 -14.02 -15.95
N SER A 185 16.12 -13.46 -16.40
CA SER A 185 16.57 -12.07 -16.02
C SER A 185 15.47 -11.06 -16.32
N PHE A 186 14.82 -11.21 -17.46
CA PHE A 186 13.76 -10.28 -17.83
C PHE A 186 12.64 -10.42 -16.77
N VAL A 187 12.21 -11.64 -16.48
CA VAL A 187 11.07 -11.90 -15.54
C VAL A 187 11.44 -11.36 -14.16
N TYR A 188 12.64 -11.61 -13.67
CA TYR A 188 13.10 -11.07 -12.36
C TYR A 188 12.99 -9.53 -12.39
N GLY A 189 13.45 -8.88 -13.45
CA GLY A 189 13.38 -7.42 -13.56
C GLY A 189 11.95 -6.92 -13.65
N TRP A 190 11.11 -7.65 -14.39
CA TRP A 190 9.69 -7.26 -14.50
C TRP A 190 9.02 -7.22 -13.13
N ILE A 191 9.25 -8.24 -12.30
CA ILE A 191 8.64 -8.29 -10.94
C ILE A 191 9.17 -7.12 -10.12
N LYS A 192 10.46 -6.82 -10.26
CA LYS A 192 11.08 -5.71 -9.49
C LYS A 192 10.48 -4.36 -9.87
N GLU A 193 10.21 -4.11 -11.15
CA GLU A 193 9.80 -2.74 -11.54
C GLU A 193 8.29 -2.64 -11.68
N ARG A 194 7.60 -3.70 -12.08
CA ARG A 194 6.16 -3.59 -12.41
C ARG A 194 5.24 -4.14 -11.32
N VAL A 195 5.70 -5.12 -10.55
CA VAL A 195 4.76 -5.76 -9.58
C VAL A 195 4.68 -4.92 -8.31
N ARG A 196 3.49 -4.45 -7.98
CA ARG A 196 3.26 -3.67 -6.74
C ARG A 196 2.35 -4.52 -5.85
N LEU A 197 2.64 -5.82 -5.78
CA LEU A 197 1.87 -6.80 -4.98
C LEU A 197 0.36 -6.67 -5.19
N HIS B 7 -19.82 27.07 13.39
CA HIS B 7 -18.91 27.64 12.36
C HIS B 7 -18.85 26.73 11.11
N HIS B 8 -18.32 25.49 11.19
CA HIS B 8 -18.16 24.57 10.01
C HIS B 8 -19.02 23.32 10.23
N HIS B 9 -18.71 22.20 9.58
CA HIS B 9 -19.59 20.99 9.50
C HIS B 9 -18.83 19.71 9.93
N SER B 10 -18.45 19.58 11.20
CA SER B 10 -17.72 18.42 11.77
C SER B 10 -18.75 17.41 12.34
N SER B 11 -19.93 17.32 11.72
CA SER B 11 -21.13 16.57 12.19
C SER B 11 -21.10 15.09 11.79
N GLY B 12 -20.27 14.69 10.82
CA GLY B 12 -20.25 13.35 10.22
C GLY B 12 -19.07 13.19 9.26
N LEU B 13 -18.92 11.97 8.76
CA LEU B 13 -17.79 11.52 7.94
C LEU B 13 -18.43 10.98 6.69
N VAL B 14 -17.76 11.06 5.57
CA VAL B 14 -18.23 10.37 4.35
C VAL B 14 -17.12 9.39 4.00
N PRO B 15 -17.48 8.33 3.29
CA PRO B 15 -16.48 7.31 2.92
C PRO B 15 -15.33 7.95 2.13
N ARG B 16 -14.14 7.39 2.27
CA ARG B 16 -13.01 7.60 1.34
C ARG B 16 -13.49 7.51 -0.14
N GLY B 17 -13.02 8.44 -0.96
CA GLY B 17 -13.37 8.42 -2.39
C GLY B 17 -14.70 9.10 -2.67
N SER B 18 -15.30 9.68 -1.64
CA SER B 18 -16.57 10.42 -1.84
C SER B 18 -16.32 11.65 -2.73
N THR B 19 -17.30 11.99 -3.57
CA THR B 19 -17.18 13.15 -4.49
C THR B 19 -17.58 14.44 -3.78
N LYS B 20 -17.28 15.59 -4.39
CA LYS B 20 -17.78 16.88 -3.87
C LYS B 20 -19.32 16.79 -3.69
N ASP B 21 -20.06 16.31 -4.68
CA ASP B 21 -21.54 16.17 -4.63
C ASP B 21 -21.96 15.34 -3.41
N GLU B 22 -21.25 14.25 -3.13
CA GLU B 22 -21.59 13.39 -1.97
C GLU B 22 -21.28 14.13 -0.68
N ILE B 23 -20.16 14.86 -0.66
CA ILE B 23 -19.74 15.57 0.58
C ILE B 23 -20.85 16.54 0.95
N PHE B 24 -21.32 17.34 0.00
CA PHE B 24 -22.32 18.37 0.26
C PHE B 24 -23.69 17.71 0.52
N ALA B 25 -24.05 16.66 -0.24
CA ALA B 25 -25.32 15.92 -0.01
C ALA B 25 -25.33 15.41 1.45
N ALA B 26 -24.21 14.89 1.97
CA ALA B 26 -24.15 14.36 3.34
C ALA B 26 -24.37 15.49 4.34
N ILE B 27 -23.85 16.70 4.09
CA ILE B 27 -24.09 17.83 5.02
C ILE B 27 -25.59 18.15 5.00
N LEU B 28 -26.20 18.24 3.82
CA LEU B 28 -27.63 18.65 3.70
C LEU B 28 -28.55 17.60 4.35
N SER B 29 -28.18 16.33 4.40
CA SER B 29 -28.99 15.25 5.04
C SER B 29 -28.78 15.31 6.56
N ARG B 30 -27.55 15.22 7.05
CA ARG B 30 -27.33 15.22 8.52
C ARG B 30 -27.72 16.57 9.16
N GLU B 31 -27.84 17.67 8.43
CA GLU B 31 -28.18 18.98 9.04
C GLU B 31 -29.46 19.53 8.37
N GLY B 32 -30.31 18.63 7.87
CA GLY B 32 -31.52 18.99 7.09
C GLY B 32 -32.52 19.78 7.91
N GLY B 33 -33.22 20.72 7.28
CA GLY B 33 -34.20 21.66 7.85
C GLY B 33 -33.64 22.48 9.01
N TYR B 34 -34.50 22.83 9.98
CA TYR B 34 -34.19 23.64 11.18
C TYR B 34 -33.42 22.76 12.15
N VAL B 35 -32.31 23.27 12.70
CA VAL B 35 -31.61 22.68 13.88
C VAL B 35 -31.18 23.87 14.75
N ASP B 36 -31.59 23.89 16.02
CA ASP B 36 -31.17 24.95 16.99
C ASP B 36 -29.70 24.72 17.38
N HIS B 37 -28.97 25.81 17.63
CA HIS B 37 -27.60 25.84 18.19
C HIS B 37 -27.51 27.13 19.01
N PRO B 38 -26.66 27.20 20.06
CA PRO B 38 -26.53 28.44 20.84
C PRO B 38 -25.92 29.60 20.03
N ASP B 39 -26.27 30.85 20.36
CA ASP B 39 -25.83 32.09 19.65
C ASP B 39 -24.30 32.17 19.54
N ASP B 40 -23.56 31.64 20.51
CA ASP B 40 -22.07 31.66 20.52
C ASP B 40 -21.49 30.64 19.51
N ARG B 41 -22.31 29.94 18.71
CA ARG B 41 -21.86 28.96 17.68
C ARG B 41 -22.42 29.33 16.29
N GLY B 42 -22.83 30.59 16.09
CA GLY B 42 -23.47 31.07 14.85
C GLY B 42 -25.00 30.99 14.92
N GLY B 43 -25.53 30.42 16.00
CA GLY B 43 -26.98 30.28 16.23
C GLY B 43 -27.60 29.21 15.34
N PRO B 44 -28.92 29.27 15.11
CA PRO B 44 -29.64 28.17 14.45
C PRO B 44 -29.30 28.03 12.94
N THR B 45 -29.34 26.81 12.43
CA THR B 45 -29.07 26.49 11.02
C THR B 45 -30.38 26.06 10.34
N HIS B 46 -30.47 26.37 9.05
CA HIS B 46 -31.45 25.81 8.09
C HIS B 46 -30.65 25.14 6.96
N TRP B 47 -30.72 23.83 6.84
CA TRP B 47 -29.93 23.05 5.86
C TRP B 47 -28.43 23.25 6.11
N GLY B 48 -28.07 23.49 7.36
CA GLY B 48 -26.69 23.66 7.83
C GLY B 48 -26.19 25.09 7.66
N ILE B 49 -27.00 26.00 7.17
CA ILE B 49 -26.60 27.40 6.91
C ILE B 49 -27.01 28.31 8.08
N THR B 50 -26.07 29.06 8.66
CA THR B 50 -26.34 30.10 9.68
C THR B 50 -26.88 31.33 8.99
N LEU B 51 -27.55 32.20 9.74
CA LEU B 51 -28.00 33.54 9.24
C LEU B 51 -26.78 34.29 8.65
N THR B 52 -25.67 34.32 9.37
CA THR B 52 -24.46 35.08 8.95
C THR B 52 -23.98 34.52 7.61
N THR B 53 -23.86 33.19 7.48
CA THR B 53 -23.36 32.52 6.26
C THR B 53 -24.26 32.88 5.07
N ALA B 54 -25.56 32.82 5.26
CA ALA B 54 -26.54 33.10 4.19
C ALA B 54 -26.43 34.56 3.78
N ARG B 55 -26.35 35.47 4.74
CA ARG B 55 -26.30 36.92 4.41
C ARG B 55 -24.96 37.23 3.70
N ALA B 56 -23.86 36.63 4.15
CA ALA B 56 -22.53 36.88 3.55
C ALA B 56 -22.53 36.39 2.10
N ASN B 57 -23.41 35.43 1.77
CA ASN B 57 -23.50 34.86 0.39
C ASN B 57 -24.62 35.50 -0.41
N GLY B 58 -25.26 36.55 0.10
CA GLY B 58 -26.27 37.34 -0.64
C GLY B 58 -27.70 36.82 -0.50
N TYR B 59 -28.01 35.86 0.36
CA TYR B 59 -29.42 35.53 0.64
C TYR B 59 -29.97 36.60 1.61
N MET B 60 -30.94 37.40 1.15
CA MET B 60 -31.55 38.49 1.96
C MET B 60 -32.95 38.08 2.50
N GLY B 61 -33.41 36.86 2.25
CA GLY B 61 -34.75 36.41 2.66
C GLY B 61 -34.82 35.95 4.11
N ASP B 62 -35.97 35.43 4.52
CA ASP B 62 -36.20 34.79 5.84
C ASP B 62 -35.52 33.41 5.83
N MET B 63 -34.80 33.08 6.91
CA MET B 63 -34.01 31.84 6.99
C MET B 63 -34.97 30.64 6.93
N ARG B 64 -36.25 30.80 7.30
CA ARG B 64 -37.22 29.67 7.28
C ARG B 64 -37.56 29.31 5.83
N ASN B 65 -37.45 30.24 4.90
CA ASN B 65 -37.77 30.01 3.47
C ASN B 65 -36.52 29.60 2.66
N LEU B 66 -35.35 29.42 3.28
CA LEU B 66 -34.14 29.00 2.53
C LEU B 66 -34.38 27.58 2.03
N THR B 67 -34.34 27.35 0.73
CA THR B 67 -34.57 26.00 0.14
C THR B 67 -33.28 25.17 0.25
N ARG B 68 -33.40 23.85 0.19
CA ARG B 68 -32.27 22.90 0.11
C ARG B 68 -31.36 23.32 -1.03
N ASN B 69 -31.93 23.70 -2.16
CA ASN B 69 -31.11 24.03 -3.34
C ASN B 69 -30.32 25.31 -3.10
N GLN B 70 -30.88 26.31 -2.42
CA GLN B 70 -30.17 27.57 -2.14
C GLN B 70 -29.02 27.27 -1.15
N ALA B 71 -29.26 26.42 -0.17
CA ALA B 71 -28.26 26.00 0.83
C ALA B 71 -27.08 25.33 0.12
N LEU B 72 -27.35 24.49 -0.89
CA LEU B 72 -26.30 23.78 -1.64
C LEU B 72 -25.45 24.80 -2.36
N LYS B 73 -26.05 25.82 -2.99
CA LYS B 73 -25.24 26.87 -3.68
C LYS B 73 -24.36 27.60 -2.67
N ILE B 74 -24.84 27.82 -1.46
CA ILE B 74 -24.07 28.55 -0.41
C ILE B 74 -22.90 27.66 0.05
N LEU B 75 -23.13 26.38 0.29
CA LEU B 75 -22.05 25.43 0.65
C LEU B 75 -21.02 25.39 -0.47
N GLU B 76 -21.46 25.31 -1.73
CA GLU B 76 -20.51 25.24 -2.87
C GLU B 76 -19.73 26.57 -2.95
N ALA B 77 -20.37 27.70 -2.66
CA ALA B 77 -19.67 29.00 -2.74
C ALA B 77 -18.56 29.01 -1.67
N ASP B 78 -18.88 28.63 -0.44
CA ASP B 78 -17.92 28.75 0.67
C ASP B 78 -16.83 27.67 0.54
N TYR B 79 -17.15 26.46 0.08
CA TYR B 79 -16.27 25.28 0.30
C TYR B 79 -15.77 24.68 -1.01
N TRP B 80 -16.17 25.20 -2.17
CA TRP B 80 -15.74 24.67 -3.48
C TRP B 80 -15.31 25.81 -4.39
N TYR B 81 -16.19 26.72 -4.77
CA TYR B 81 -15.86 27.74 -5.80
C TYR B 81 -15.01 28.87 -5.20
N GLY B 82 -15.35 29.29 -3.99
CA GLY B 82 -14.58 30.35 -3.31
C GLY B 82 -13.14 29.96 -3.17
N PRO B 83 -12.82 28.77 -2.60
CA PRO B 83 -11.44 28.31 -2.53
C PRO B 83 -10.80 27.85 -3.84
N ARG B 84 -11.55 27.86 -4.95
N ARG B 84 -11.56 27.85 -4.94
CA ARG B 84 -11.01 27.46 -6.28
CA ARG B 84 -11.02 27.46 -6.28
C ARG B 84 -10.65 25.98 -6.31
C ARG B 84 -10.65 25.98 -6.30
N LEU B 85 -11.49 25.14 -5.70
CA LEU B 85 -11.25 23.68 -5.71
C LEU B 85 -11.78 23.15 -7.04
N ASP B 86 -12.64 23.92 -7.71
CA ASP B 86 -13.09 23.57 -9.08
C ASP B 86 -11.86 23.60 -9.99
N GLN B 87 -10.97 24.56 -9.78
CA GLN B 87 -9.74 24.64 -10.60
C GLN B 87 -8.79 23.52 -10.20
N VAL B 88 -8.74 23.17 -8.92
CA VAL B 88 -7.86 22.06 -8.52
C VAL B 88 -8.37 20.80 -9.20
N ALA B 89 -9.68 20.58 -9.20
CA ALA B 89 -10.37 19.35 -9.67
C ALA B 89 -10.03 19.06 -11.14
N ILE B 90 -9.84 20.09 -11.96
CA ILE B 90 -9.42 19.91 -13.37
C ILE B 90 -8.11 19.15 -13.40
N ILE B 91 -7.19 19.41 -12.46
CA ILE B 91 -5.85 18.78 -12.48
C ILE B 91 -5.93 17.43 -11.75
N SER B 92 -6.66 17.34 -10.64
CA SER B 92 -6.77 16.13 -9.79
C SER B 92 -8.11 16.15 -9.06
N HIS B 93 -9.03 15.29 -9.44
CA HIS B 93 -10.34 15.14 -8.76
C HIS B 93 -10.09 14.64 -7.34
N SER B 94 -9.10 13.78 -7.15
CA SER B 94 -8.94 13.11 -5.83
C SER B 94 -8.36 14.14 -4.84
N ILE B 95 -7.37 14.94 -5.23
CA ILE B 95 -6.85 15.99 -4.34
C ILE B 95 -7.94 17.02 -4.02
N ALA B 96 -8.71 17.44 -5.00
CA ALA B 96 -9.79 18.44 -4.83
C ALA B 96 -10.83 17.94 -3.84
N ALA B 97 -11.26 16.72 -4.01
CA ALA B 97 -12.22 16.05 -3.08
C ALA B 97 -11.65 15.98 -1.65
N GLU B 98 -10.38 15.66 -1.50
CA GLU B 98 -9.74 15.56 -0.16
C GLU B 98 -9.66 16.96 0.50
N LEU B 99 -9.22 17.98 -0.24
CA LEU B 99 -9.22 19.37 0.28
C LEU B 99 -10.64 19.79 0.66
N CYS B 100 -11.65 19.38 -0.09
CA CYS B 100 -13.04 19.82 0.14
C CYS B 100 -13.54 19.18 1.43
N ASP B 101 -13.33 17.89 1.60
CA ASP B 101 -13.75 17.12 2.81
C ASP B 101 -13.13 17.76 4.05
N THR B 102 -11.83 18.03 4.04
CA THR B 102 -11.19 18.68 5.20
C THR B 102 -11.73 20.11 5.36
N GLY B 103 -11.91 20.85 4.24
CA GLY B 103 -12.35 22.25 4.25
C GLY B 103 -13.68 22.42 4.96
N VAL B 104 -14.61 21.49 4.73
CA VAL B 104 -15.96 21.58 5.33
C VAL B 104 -15.85 21.39 6.86
N ASN B 105 -14.84 20.70 7.37
CA ASN B 105 -14.63 20.45 8.83
C ASN B 105 -13.85 21.61 9.46
N MET B 106 -12.83 22.14 8.79
N MET B 106 -12.82 22.13 8.78
CA MET B 106 -11.82 23.02 9.41
CA MET B 106 -11.81 23.01 9.41
C MET B 106 -11.89 24.46 8.82
C MET B 106 -11.88 24.45 8.82
N GLY B 107 -12.57 24.68 7.70
CA GLY B 107 -12.37 25.90 6.94
C GLY B 107 -11.36 25.64 5.82
N PRO B 108 -11.64 26.06 4.57
CA PRO B 108 -10.84 25.63 3.42
C PRO B 108 -9.39 26.08 3.44
N SER B 109 -9.07 27.21 4.10
CA SER B 109 -7.71 27.75 4.14
C SER B 109 -6.73 26.80 4.87
N ILE B 110 -7.18 26.11 5.90
CA ILE B 110 -6.26 25.21 6.68
C ILE B 110 -5.64 24.15 5.75
N PRO B 111 -6.42 23.26 5.12
CA PRO B 111 -5.86 22.20 4.27
C PRO B 111 -5.12 22.79 3.07
N ILE B 112 -5.56 23.94 2.55
CA ILE B 112 -4.85 24.50 1.37
C ILE B 112 -3.44 24.95 1.78
N LYS B 113 -3.29 25.53 2.97
CA LYS B 113 -1.92 25.90 3.42
C LYS B 113 -1.06 24.66 3.56
N TYR B 114 -1.55 23.62 4.21
CA TYR B 114 -0.77 22.34 4.31
C TYR B 114 -0.39 21.82 2.91
N PHE B 115 -1.33 21.92 1.99
CA PHE B 115 -1.13 21.48 0.58
C PHE B 115 0.05 22.27 -0.01
N GLN B 116 0.05 23.59 0.14
CA GLN B 116 1.17 24.42 -0.37
C GLN B 116 2.47 24.03 0.33
N ARG B 117 2.47 23.84 1.65
CA ARG B 117 3.72 23.52 2.36
C ARG B 117 4.26 22.18 1.83
N TRP B 118 3.39 21.18 1.68
CA TRP B 118 3.88 19.86 1.15
C TRP B 118 4.36 20.01 -0.31
N LEU B 119 3.66 20.78 -1.16
CA LEU B 119 4.19 21.02 -2.53
C LEU B 119 5.59 21.62 -2.46
N ASN B 120 5.86 22.54 -1.53
CA ASN B 120 7.22 23.14 -1.36
C ASN B 120 8.24 22.07 -0.98
N VAL B 121 7.92 21.14 -0.08
CA VAL B 121 8.87 20.07 0.31
C VAL B 121 9.19 19.20 -0.90
N PHE B 122 8.20 18.82 -1.71
CA PHE B 122 8.39 17.88 -2.85
C PHE B 122 8.91 18.57 -4.12
N ASN B 123 9.25 19.86 -4.10
CA ASN B 123 9.78 20.54 -5.31
C ASN B 123 11.30 20.38 -5.41
N ASP B 124 11.93 19.61 -4.52
CA ASP B 124 13.38 19.23 -4.61
C ASP B 124 14.27 20.48 -4.68
N GLN B 125 14.25 21.30 -3.64
CA GLN B 125 15.10 22.52 -3.54
C GLN B 125 14.82 23.44 -4.74
N GLN B 126 13.56 23.52 -5.18
CA GLN B 126 13.08 24.40 -6.26
C GLN B 126 13.65 24.02 -7.66
N LYS B 127 14.04 22.77 -7.91
CA LYS B 127 14.42 22.31 -9.27
C LYS B 127 13.18 22.16 -10.17
N ILE B 128 12.08 21.58 -9.66
CA ILE B 128 10.86 21.22 -10.45
C ILE B 128 9.90 22.42 -10.62
N TYR B 129 9.90 23.37 -9.66
CA TYR B 129 9.06 24.60 -9.56
C TYR B 129 9.53 25.39 -8.33
N PRO B 130 9.38 26.72 -8.30
CA PRO B 130 9.78 27.51 -7.13
C PRO B 130 8.78 27.36 -5.95
N ASP B 131 9.22 27.77 -4.77
CA ASP B 131 8.45 27.70 -3.52
C ASP B 131 7.24 28.60 -3.65
N LEU B 132 6.09 28.13 -3.20
CA LEU B 132 4.86 28.94 -3.08
C LEU B 132 4.91 29.66 -1.75
N ILE B 133 4.31 30.83 -1.67
CA ILE B 133 3.83 31.44 -0.43
C ILE B 133 2.70 30.56 0.07
N ALA B 134 2.77 30.13 1.32
CA ALA B 134 1.73 29.31 1.95
C ALA B 134 0.63 30.26 2.44
N ASP B 135 -0.16 30.83 1.54
CA ASP B 135 -1.15 31.87 1.92
C ASP B 135 -2.51 31.21 2.09
N GLY B 136 -2.67 29.93 1.75
CA GLY B 136 -4.00 29.33 1.86
C GLY B 136 -4.89 29.62 0.69
N GLN B 137 -4.34 30.16 -0.39
CA GLN B 137 -5.18 30.64 -1.51
C GLN B 137 -4.76 29.97 -2.80
N ILE B 138 -5.73 29.35 -3.48
CA ILE B 138 -5.45 28.67 -4.77
C ILE B 138 -5.45 29.75 -5.86
N GLY B 139 -4.34 29.91 -6.55
CA GLY B 139 -4.26 30.72 -7.78
C GLY B 139 -3.34 30.03 -8.77
N PRO B 140 -3.07 30.68 -9.90
CA PRO B 140 -2.25 30.10 -10.95
C PRO B 140 -0.93 29.48 -10.49
N ARG B 141 -0.27 30.07 -9.49
CA ARG B 141 1.05 29.52 -9.06
C ARG B 141 0.84 28.15 -8.40
N THR B 142 -0.13 28.02 -7.51
CA THR B 142 -0.35 26.76 -6.77
C THR B 142 -0.79 25.71 -7.80
N LEU B 143 -1.64 26.08 -8.75
CA LEU B 143 -2.09 25.17 -9.83
C LEU B 143 -0.90 24.75 -10.68
N SER B 144 -0.03 25.65 -11.04
CA SER B 144 1.18 25.33 -11.86
C SER B 144 2.10 24.40 -11.04
N ALA B 145 2.23 24.64 -9.75
CA ALA B 145 3.08 23.76 -8.91
C ALA B 145 2.47 22.36 -8.86
N LEU B 146 1.17 22.23 -8.70
CA LEU B 146 0.55 20.89 -8.68
C LEU B 146 0.77 20.23 -10.04
N THR B 147 0.63 20.99 -11.13
CA THR B 147 0.81 20.44 -12.50
C THR B 147 2.23 19.87 -12.64
N PHE B 148 3.24 20.62 -12.23
CA PHE B 148 4.64 20.14 -12.38
C PHE B 148 4.95 18.99 -11.43
N PHE B 149 4.40 19.01 -10.21
CA PHE B 149 4.58 17.86 -9.28
C PHE B 149 4.04 16.59 -9.93
N LEU B 150 2.83 16.66 -10.48
CA LEU B 150 2.18 15.46 -11.04
C LEU B 150 2.82 15.03 -12.38
N SER B 151 3.55 15.92 -13.03
CA SER B 151 4.26 15.55 -14.28
C SER B 151 5.48 14.69 -13.93
N HIS B 152 6.13 14.98 -12.81
CA HIS B 152 7.37 14.26 -12.43
C HIS B 152 7.07 13.08 -11.51
N ARG B 153 5.97 13.11 -10.76
CA ARG B 153 5.69 12.05 -9.77
C ARG B 153 4.51 11.19 -10.21
N ARG B 154 3.69 11.70 -11.13
CA ARG B 154 2.55 10.92 -11.69
C ARG B 154 1.53 10.52 -10.64
N ASP B 155 0.90 9.34 -10.81
CA ASP B 155 -0.18 8.90 -9.90
C ASP B 155 0.35 8.60 -8.49
N GLU B 156 1.58 8.11 -8.39
CA GLU B 156 2.19 7.82 -7.06
C GLU B 156 2.21 9.12 -6.25
N GLY B 157 2.69 10.21 -6.84
CA GLY B 157 2.72 11.53 -6.16
C GLY B 157 1.35 11.95 -5.68
N GLU B 158 0.33 11.77 -6.51
CA GLU B 158 -1.04 12.20 -6.15
C GLU B 158 -1.47 11.47 -4.87
N MET B 159 -1.24 10.17 -4.80
CA MET B 159 -1.62 9.38 -3.61
C MET B 159 -0.76 9.82 -2.41
N ILE B 160 0.51 10.09 -2.67
CA ILE B 160 1.48 10.46 -1.61
C ILE B 160 1.08 11.83 -1.02
N LEU B 161 0.69 12.77 -1.87
CA LEU B 161 0.31 14.13 -1.42
C LEU B 161 -0.98 14.01 -0.59
N ILE B 162 -1.89 13.10 -0.94
CA ILE B 162 -3.15 12.94 -0.15
C ILE B 162 -2.83 12.38 1.24
N ARG B 163 -1.91 11.42 1.31
CA ARG B 163 -1.52 10.82 2.61
C ARG B 163 -0.79 11.88 3.45
N ALA B 164 0.02 12.71 2.82
CA ALA B 164 0.72 13.82 3.52
C ALA B 164 -0.32 14.79 4.12
N LEU B 165 -1.31 15.18 3.34
CA LEU B 165 -2.41 16.01 3.87
C LEU B 165 -3.11 15.35 5.06
N ASN B 166 -3.39 14.08 4.98
CA ASN B 166 -4.02 13.30 6.08
C ASN B 166 -3.14 13.39 7.35
N CYS B 167 -1.83 13.40 7.16
CA CYS B 167 -0.89 13.45 8.31
C CYS B 167 -1.04 14.81 9.01
N SER B 168 -1.00 15.89 8.21
CA SER B 168 -1.18 17.27 8.75
C SER B 168 -2.52 17.34 9.49
N GLN B 169 -3.58 16.84 8.90
CA GLN B 169 -4.97 16.94 9.47
C GLN B 169 -5.01 16.10 10.76
N GLY B 170 -4.43 14.89 10.74
CA GLY B 170 -4.44 14.02 11.92
C GLY B 170 -3.75 14.69 13.10
N GLN B 171 -2.57 15.26 12.86
CA GLN B 171 -1.83 15.93 13.93
C GLN B 171 -2.64 17.13 14.39
N ARG B 172 -3.31 17.85 13.48
CA ARG B 172 -4.11 19.02 13.89
C ARG B 172 -5.24 18.53 14.80
N TYR B 173 -5.86 17.37 14.47
CA TYR B 173 -6.94 16.83 15.34
C TYR B 173 -6.39 16.53 16.75
N LEU B 174 -5.12 16.12 16.86
CA LEU B 174 -4.56 15.78 18.19
C LEU B 174 -4.57 17.07 19.02
N GLU B 175 -4.04 18.14 18.43
CA GLU B 175 -3.92 19.47 19.09
C GLU B 175 -5.32 20.01 19.46
N LEU B 176 -6.28 19.90 18.56
CA LEU B 176 -7.66 20.35 18.82
C LEU B 176 -8.30 19.49 19.93
N ALA B 177 -8.20 18.17 19.85
CA ALA B 177 -8.76 17.27 20.90
C ALA B 177 -8.16 17.64 22.26
N GLU B 178 -6.89 18.00 22.30
CA GLU B 178 -6.19 18.30 23.57
C GLU B 178 -6.79 19.59 24.17
N LYS B 179 -7.16 20.58 23.35
CA LYS B 179 -7.81 21.83 23.82
C LYS B 179 -9.33 21.69 23.89
N ARG B 180 -9.91 20.48 23.82
CA ARG B 180 -11.38 20.25 23.82
C ARG B 180 -12.10 20.93 22.64
N GLN B 181 -11.42 21.23 21.53
CA GLN B 181 -12.00 21.89 20.33
C GLN B 181 -12.34 20.85 19.27
N ALA B 182 -12.22 19.56 19.56
CA ALA B 182 -12.68 18.49 18.64
C ALA B 182 -13.15 17.31 19.48
N ASN B 183 -14.19 16.64 19.00
CA ASN B 183 -14.80 15.47 19.64
C ASN B 183 -13.84 14.28 19.46
N GLU B 184 -13.55 13.53 20.52
CA GLU B 184 -12.53 12.45 20.44
C GLU B 184 -13.08 11.26 19.64
N SER B 185 -14.33 10.89 19.87
CA SER B 185 -15.01 9.83 19.07
C SER B 185 -14.94 10.19 17.59
N PHE B 186 -15.14 11.45 17.26
CA PHE B 186 -15.08 11.90 15.86
C PHE B 186 -13.65 11.63 15.37
N VAL B 187 -12.63 12.05 16.13
CA VAL B 187 -11.19 11.92 15.71
C VAL B 187 -10.87 10.44 15.54
N TYR B 188 -11.26 9.58 16.45
CA TYR B 188 -11.04 8.13 16.34
C TYR B 188 -11.69 7.61 15.05
N GLY B 189 -12.96 7.98 14.79
CA GLY B 189 -13.71 7.57 13.57
C GLY B 189 -13.07 8.13 12.29
N TRP B 190 -12.52 9.33 12.37
CA TRP B 190 -11.85 9.97 11.22
C TRP B 190 -10.58 9.20 10.88
N ILE B 191 -9.79 8.79 11.87
CA ILE B 191 -8.54 8.01 11.60
C ILE B 191 -8.97 6.67 10.97
N LYS B 192 -9.99 6.06 11.56
CA LYS B 192 -10.49 4.76 11.09
C LYS B 192 -10.91 4.85 9.61
N GLU B 193 -11.71 5.84 9.25
CA GLU B 193 -12.33 5.87 7.90
C GLU B 193 -11.33 6.49 6.91
N ARG B 194 -10.62 7.57 7.26
CA ARG B 194 -10.00 8.44 6.23
C ARG B 194 -8.50 8.18 6.12
N VAL B 195 -7.82 7.85 7.22
CA VAL B 195 -6.34 7.72 7.19
C VAL B 195 -5.94 6.40 6.52
N ARG B 196 -5.09 6.49 5.50
CA ARG B 196 -4.70 5.30 4.72
C ARG B 196 -3.18 5.23 4.68
N LEU B 197 -2.56 5.18 5.86
CA LEU B 197 -1.08 5.18 5.95
C LEU B 197 -0.68 4.38 7.20
N HIS C 8 -9.95 -26.28 4.66
CA HIS C 8 -8.91 -25.32 5.21
C HIS C 8 -9.62 -24.13 5.88
N HIS C 9 -9.04 -22.94 5.87
CA HIS C 9 -9.56 -21.75 6.60
C HIS C 9 -9.42 -20.50 5.69
N SER C 10 -10.21 -20.41 4.60
CA SER C 10 -10.27 -19.21 3.69
C SER C 10 -11.33 -18.21 4.21
N SER C 11 -11.56 -18.16 5.54
CA SER C 11 -12.79 -17.64 6.21
C SER C 11 -12.73 -16.13 6.54
N GLY C 12 -11.56 -15.50 6.41
CA GLY C 12 -11.39 -14.05 6.60
C GLY C 12 -9.95 -13.62 6.37
N LEU C 13 -9.78 -12.32 6.12
CA LEU C 13 -8.49 -11.73 5.70
C LEU C 13 -7.65 -11.37 6.92
N VAL C 14 -6.37 -11.69 6.84
CA VAL C 14 -5.38 -11.36 7.89
C VAL C 14 -4.50 -10.26 7.29
N PRO C 15 -4.07 -9.26 8.09
CA PRO C 15 -3.23 -8.19 7.54
C PRO C 15 -2.01 -8.79 6.83
N ARG C 16 -1.60 -8.18 5.72
CA ARG C 16 -0.38 -8.63 5.02
C ARG C 16 0.82 -8.60 5.97
N GLY C 17 1.66 -9.63 5.91
CA GLY C 17 2.87 -9.71 6.75
C GLY C 17 2.59 -10.16 8.17
N SER C 18 1.38 -10.66 8.48
CA SER C 18 1.06 -11.23 9.81
C SER C 18 2.07 -12.35 10.08
N THR C 19 2.50 -12.50 11.34
CA THR C 19 3.43 -13.56 11.82
C THR C 19 2.65 -14.90 11.95
N LYS C 20 3.36 -16.00 12.16
CA LYS C 20 2.72 -17.32 12.36
C LYS C 20 1.71 -17.23 13.51
N ASP C 21 2.13 -16.69 14.66
CA ASP C 21 1.26 -16.64 15.85
C ASP C 21 -0.02 -15.85 15.56
N GLU C 22 0.11 -14.75 14.84
CA GLU C 22 -1.09 -13.93 14.53
C GLU C 22 -1.98 -14.69 13.53
N ILE C 23 -1.38 -15.43 12.60
CA ILE C 23 -2.21 -16.20 11.62
C ILE C 23 -3.05 -17.18 12.44
N PHE C 24 -2.44 -17.86 13.39
CA PHE C 24 -3.13 -18.95 14.11
C PHE C 24 -4.10 -18.35 15.14
N ALA C 25 -3.68 -17.27 15.80
CA ALA C 25 -4.57 -16.50 16.72
C ALA C 25 -5.85 -16.08 15.94
N ALA C 26 -5.71 -15.58 14.71
CA ALA C 26 -6.85 -15.09 13.92
C ALA C 26 -7.79 -16.25 13.57
N ILE C 27 -7.25 -17.44 13.30
CA ILE C 27 -8.12 -18.62 13.04
C ILE C 27 -8.90 -18.92 14.33
N LEU C 28 -8.22 -18.97 15.47
CA LEU C 28 -8.88 -19.39 16.75
C LEU C 28 -9.93 -18.34 17.18
N SER C 29 -9.79 -17.07 16.81
CA SER C 29 -10.79 -16.01 17.12
C SER C 29 -11.97 -16.10 16.16
N ARG C 30 -11.74 -16.03 14.85
CA ARG C 30 -12.84 -16.06 13.84
C ARG C 30 -13.63 -17.38 13.94
N GLU C 31 -13.09 -18.47 14.45
CA GLU C 31 -13.79 -19.78 14.45
C GLU C 31 -13.89 -20.29 15.89
N GLY C 32 -13.96 -19.38 16.88
CA GLY C 32 -13.91 -19.72 18.32
C GLY C 32 -15.01 -20.70 18.76
N GLY C 33 -14.72 -21.70 19.63
CA GLY C 33 -15.71 -22.34 20.52
C GLY C 33 -16.35 -23.58 19.92
N TYR C 34 -16.68 -24.57 20.78
CA TYR C 34 -17.33 -25.87 20.37
C TYR C 34 -18.67 -25.61 19.69
N VAL C 35 -18.79 -25.96 18.41
CA VAL C 35 -20.05 -25.75 17.64
C VAL C 35 -20.39 -27.08 16.98
N ASP C 36 -21.47 -27.73 17.41
CA ASP C 36 -21.88 -29.04 16.84
C ASP C 36 -22.48 -28.79 15.44
N HIS C 37 -22.31 -29.75 14.54
CA HIS C 37 -22.86 -29.75 13.16
C HIS C 37 -23.25 -31.20 12.90
N PRO C 38 -24.24 -31.46 12.00
CA PRO C 38 -24.54 -32.81 11.55
C PRO C 38 -23.33 -33.44 10.83
N ASP C 39 -23.30 -34.77 10.77
CA ASP C 39 -22.20 -35.60 10.17
C ASP C 39 -21.90 -35.16 8.73
N ASP C 40 -22.89 -34.73 7.97
CA ASP C 40 -22.73 -34.26 6.56
C ASP C 40 -22.07 -32.87 6.47
N ARG C 41 -21.64 -32.24 7.58
CA ARG C 41 -20.98 -30.89 7.56
C ARG C 41 -19.64 -30.92 8.33
N GLY C 42 -18.98 -32.08 8.33
CA GLY C 42 -17.67 -32.29 8.99
C GLY C 42 -17.83 -32.83 10.41
N GLY C 43 -19.10 -32.98 10.87
CA GLY C 43 -19.51 -33.17 12.27
C GLY C 43 -19.13 -31.98 13.15
N PRO C 44 -18.91 -32.19 14.47
CA PRO C 44 -18.57 -31.11 15.38
C PRO C 44 -17.20 -30.46 15.13
N THR C 45 -17.13 -29.15 15.36
CA THR C 45 -15.95 -28.27 15.17
C THR C 45 -15.59 -27.78 16.58
N HIS C 46 -14.33 -27.49 16.81
CA HIS C 46 -13.96 -26.78 18.07
C HIS C 46 -12.69 -26.01 17.75
N TRP C 47 -12.73 -24.68 17.88
CA TRP C 47 -11.59 -23.79 17.57
C TRP C 47 -11.25 -23.93 16.08
N GLY C 48 -12.22 -24.27 15.25
CA GLY C 48 -12.06 -24.43 13.79
C GLY C 48 -11.47 -25.77 13.39
N ILE C 49 -11.32 -26.70 14.33
CA ILE C 49 -10.77 -28.06 14.04
C ILE C 49 -11.92 -29.04 13.81
N THR C 50 -11.93 -29.75 12.68
CA THR C 50 -12.87 -30.85 12.37
C THR C 50 -12.45 -32.08 13.16
N LEU C 51 -13.39 -33.00 13.35
CA LEU C 51 -13.13 -34.32 13.96
C LEU C 51 -11.99 -35.03 13.19
N THR C 52 -12.02 -35.03 11.87
CA THR C 52 -11.00 -35.79 11.08
C THR C 52 -9.62 -35.15 11.32
N THR C 53 -9.52 -33.82 11.30
CA THR C 53 -8.23 -33.10 11.52
C THR C 53 -7.67 -33.43 12.89
N ALA C 54 -8.52 -33.44 13.91
CA ALA C 54 -8.08 -33.70 15.31
C ALA C 54 -7.59 -35.15 15.40
N ARG C 55 -8.36 -36.08 14.86
CA ARG C 55 -7.99 -37.52 14.98
C ARG C 55 -6.70 -37.77 14.19
N ALA C 56 -6.53 -37.15 13.02
CA ALA C 56 -5.33 -37.36 12.19
C ALA C 56 -4.09 -36.87 12.94
N ASN C 57 -4.27 -35.95 13.86
CA ASN C 57 -3.16 -35.34 14.65
C ASN C 57 -3.05 -35.98 16.03
N GLY C 58 -3.84 -37.03 16.32
CA GLY C 58 -3.69 -37.85 17.53
C GLY C 58 -4.56 -37.40 18.67
N TYR C 59 -5.50 -36.49 18.49
CA TYR C 59 -6.48 -36.22 19.57
C TYR C 59 -7.56 -37.31 19.51
N MET C 60 -7.63 -38.15 20.54
CA MET C 60 -8.57 -39.29 20.63
C MET C 60 -9.73 -38.97 21.59
N GLY C 61 -9.78 -37.76 22.16
CA GLY C 61 -10.79 -37.37 23.16
C GLY C 61 -12.09 -36.95 22.52
N ASP C 62 -13.03 -36.49 23.33
CA ASP C 62 -14.32 -35.90 22.89
C ASP C 62 -14.03 -34.50 22.35
N MET C 63 -14.62 -34.14 21.21
CA MET C 63 -14.35 -32.84 20.56
C MET C 63 -14.83 -31.70 21.50
N ARG C 64 -15.73 -31.99 22.43
CA ARG C 64 -16.27 -30.94 23.34
C ARG C 64 -15.19 -30.54 24.36
N ASN C 65 -14.25 -31.43 24.66
CA ASN C 65 -13.17 -31.20 25.65
C ASN C 65 -11.87 -30.68 24.99
N LEU C 66 -11.85 -30.42 23.68
CA LEU C 66 -10.60 -29.96 23.01
C LEU C 66 -10.24 -28.58 23.53
N THR C 67 -9.06 -28.40 24.11
CA THR C 67 -8.63 -27.07 24.65
C THR C 67 -8.12 -26.16 23.53
N ARG C 68 -8.14 -24.84 23.73
CA ARG C 68 -7.61 -23.85 22.76
C ARG C 68 -6.13 -24.19 22.52
N ASN C 69 -5.41 -24.58 23.57
CA ASN C 69 -3.97 -24.90 23.44
C ASN C 69 -3.78 -26.14 22.56
N GLN C 70 -4.63 -27.17 22.68
CA GLN C 70 -4.50 -28.39 21.86
C GLN C 70 -4.81 -28.02 20.38
N ALA C 71 -5.80 -27.17 20.14
CA ALA C 71 -6.19 -26.70 18.79
C ALA C 71 -5.00 -25.99 18.16
N LEU C 72 -4.27 -25.17 18.91
CA LEU C 72 -3.13 -24.42 18.34
C LEU C 72 -2.05 -25.41 17.91
N LYS C 73 -1.81 -26.42 18.73
CA LYS C 73 -0.79 -27.44 18.40
C LYS C 73 -1.15 -28.13 17.08
N ILE C 74 -2.42 -28.47 16.90
CA ILE C 74 -2.88 -29.15 15.65
C ILE C 74 -2.67 -28.22 14.45
N LEU C 75 -3.02 -26.94 14.61
CA LEU C 75 -2.83 -25.95 13.53
C LEU C 75 -1.35 -25.85 13.19
N GLU C 76 -0.51 -25.74 14.20
CA GLU C 76 0.95 -25.66 14.00
C GLU C 76 1.50 -26.92 13.31
N ALA C 77 0.96 -28.08 13.65
CA ALA C 77 1.40 -29.34 13.01
C ALA C 77 1.02 -29.33 11.53
N ASP C 78 -0.21 -28.96 11.21
CA ASP C 78 -0.70 -29.04 9.81
C ASP C 78 -0.18 -27.89 8.96
N TYR C 79 0.05 -26.71 9.53
CA TYR C 79 0.36 -25.52 8.72
C TYR C 79 1.73 -24.88 9.01
N TRP C 80 2.52 -25.46 9.91
CA TRP C 80 3.84 -24.90 10.23
C TRP C 80 4.91 -25.99 10.30
N TYR C 81 4.88 -26.82 11.34
CA TYR C 81 5.95 -27.84 11.54
C TYR C 81 5.82 -28.95 10.51
N GLY C 82 4.60 -29.37 10.24
CA GLY C 82 4.37 -30.40 9.23
C GLY C 82 5.07 -30.05 7.94
N PRO C 83 4.76 -28.88 7.23
CA PRO C 83 5.41 -28.46 6.00
C PRO C 83 6.83 -27.91 6.17
N ARG C 84 7.35 -27.90 7.40
CA ARG C 84 8.74 -27.46 7.74
C ARG C 84 8.97 -25.96 7.50
N LEU C 85 7.98 -25.15 7.72
CA LEU C 85 8.09 -23.66 7.65
C LEU C 85 8.90 -23.16 8.83
N ASP C 86 9.05 -23.97 9.89
CA ASP C 86 10.00 -23.63 11.01
C ASP C 86 11.41 -23.59 10.43
N GLN C 87 11.75 -24.49 9.52
CA GLN C 87 13.10 -24.52 8.92
C GLN C 87 13.22 -23.38 7.90
N VAL C 88 12.15 -23.06 7.21
CA VAL C 88 12.25 -21.93 6.26
C VAL C 88 12.51 -20.67 7.08
N ALA C 89 11.79 -20.50 8.20
CA ALA C 89 11.80 -19.29 9.06
C ALA C 89 13.24 -18.96 9.53
N ILE C 90 14.07 -19.96 9.78
CA ILE C 90 15.50 -19.75 10.17
C ILE C 90 16.19 -18.96 9.06
N ILE C 91 15.85 -19.18 7.80
CA ILE C 91 16.51 -18.47 6.66
C ILE C 91 15.80 -17.13 6.39
N SER C 92 14.48 -17.07 6.47
CA SER C 92 13.64 -15.89 6.13
C SER C 92 12.30 -16.04 6.85
N HIS C 93 12.09 -15.32 7.92
CA HIS C 93 10.82 -15.35 8.67
C HIS C 93 9.72 -14.81 7.76
N SER C 94 10.02 -13.87 6.86
CA SER C 94 9.01 -13.23 5.98
C SER C 94 8.48 -14.26 4.97
N ILE C 95 9.37 -14.98 4.30
CA ILE C 95 8.93 -16.02 3.32
C ILE C 95 8.13 -17.10 4.05
N ALA C 96 8.59 -17.53 5.25
CA ALA C 96 7.92 -18.58 6.03
C ALA C 96 6.50 -18.17 6.40
N ALA C 97 6.33 -16.93 6.85
CA ALA C 97 5.02 -16.36 7.20
C ALA C 97 4.11 -16.29 5.97
N GLU C 98 4.63 -15.92 4.82
CA GLU C 98 3.82 -15.85 3.55
C GLU C 98 3.38 -17.28 3.11
N LEU C 99 4.28 -18.25 3.14
CA LEU C 99 3.92 -19.67 2.83
C LEU C 99 2.88 -20.15 3.83
N CYS C 100 2.99 -19.74 5.11
CA CYS C 100 2.08 -20.24 6.15
C CYS C 100 0.67 -19.70 5.88
N ASP C 101 0.56 -18.40 5.61
CA ASP C 101 -0.72 -17.72 5.34
C ASP C 101 -1.37 -18.33 4.11
N THR C 102 -0.63 -18.53 3.03
CA THR C 102 -1.20 -19.16 1.82
C THR C 102 -1.58 -20.61 2.14
N GLY C 103 -0.76 -21.32 2.91
CA GLY C 103 -1.01 -22.77 3.21
C GLY C 103 -2.32 -22.96 3.95
N VAL C 104 -2.63 -22.06 4.86
CA VAL C 104 -3.88 -22.08 5.67
C VAL C 104 -5.09 -21.95 4.73
N ASN C 105 -4.96 -21.19 3.65
CA ASN C 105 -6.07 -20.87 2.71
C ASN C 105 -6.20 -21.99 1.66
N MET C 106 -5.10 -22.52 1.15
N MET C 106 -5.08 -22.48 1.15
CA MET C 106 -5.10 -23.40 -0.03
CA MET C 106 -5.05 -23.33 -0.05
C MET C 106 -4.65 -24.83 0.33
C MET C 106 -4.62 -24.77 0.29
N GLY C 107 -4.04 -25.08 1.48
CA GLY C 107 -3.29 -26.33 1.69
C GLY C 107 -1.81 -26.09 1.45
N PRO C 108 -0.91 -26.53 2.34
CA PRO C 108 0.47 -26.08 2.31
C PRO C 108 1.24 -26.45 1.06
N SER C 109 0.91 -27.55 0.39
CA SER C 109 1.67 -27.98 -0.80
C SER C 109 1.52 -26.98 -1.94
N ILE C 110 0.39 -26.29 -2.08
CA ILE C 110 0.18 -25.35 -3.22
C ILE C 110 1.25 -24.26 -3.22
N PRO C 111 1.38 -23.43 -2.15
CA PRO C 111 2.37 -22.36 -2.16
C PRO C 111 3.78 -22.89 -2.17
N ILE C 112 4.03 -24.07 -1.57
CA ILE C 112 5.42 -24.61 -1.58
C ILE C 112 5.80 -24.98 -3.00
N LYS C 113 4.89 -25.54 -3.79
CA LYS C 113 5.21 -25.86 -5.19
C LYS C 113 5.49 -24.59 -5.98
N TYR C 114 4.68 -23.54 -5.83
CA TYR C 114 4.97 -22.23 -6.51
C TYR C 114 6.33 -21.74 -6.07
N PHE C 115 6.63 -21.88 -4.79
CA PHE C 115 7.93 -21.43 -4.20
C PHE C 115 9.05 -22.14 -4.92
N GLN C 116 8.95 -23.49 -5.04
CA GLN C 116 10.01 -24.25 -5.72
C GLN C 116 10.10 -23.82 -7.19
N ARG C 117 8.97 -23.68 -7.86
CA ARG C 117 9.03 -23.33 -9.31
C ARG C 117 9.69 -21.96 -9.48
N TRP C 118 9.37 -21.00 -8.62
CA TRP C 118 10.03 -19.67 -8.72
C TRP C 118 11.53 -19.75 -8.43
N LEU C 119 11.93 -20.52 -7.41
CA LEU C 119 13.39 -20.72 -7.15
C LEU C 119 14.05 -21.29 -8.40
N ASN C 120 13.42 -22.23 -9.13
CA ASN C 120 13.99 -22.80 -10.38
C ASN C 120 14.15 -21.70 -11.45
N VAL C 121 13.20 -20.80 -11.62
CA VAL C 121 13.31 -19.72 -12.63
C VAL C 121 14.51 -18.83 -12.27
N PHE C 122 14.68 -18.46 -10.99
CA PHE C 122 15.73 -17.51 -10.57
C PHE C 122 17.09 -18.19 -10.35
N ASN C 123 17.29 -19.46 -10.68
CA ASN C 123 18.59 -20.15 -10.47
C ASN C 123 19.51 -19.97 -11.69
N ASP C 124 19.09 -19.17 -12.69
CA ASP C 124 19.96 -18.77 -13.83
C ASP C 124 20.45 -19.99 -14.61
N GLN C 125 19.54 -20.79 -15.17
CA GLN C 125 19.89 -21.97 -15.99
C GLN C 125 20.78 -22.91 -15.17
N GLN C 126 20.51 -23.03 -13.86
CA GLN C 126 21.19 -23.94 -12.90
C GLN C 126 22.67 -23.58 -12.67
N LYS C 127 23.07 -22.32 -12.86
CA LYS C 127 24.45 -21.87 -12.47
C LYS C 127 24.56 -21.73 -10.94
N ILE C 128 23.53 -21.17 -10.26
CA ILE C 128 23.56 -20.81 -8.81
C ILE C 128 23.25 -22.04 -7.90
N TYR C 129 22.46 -23.00 -8.40
CA TYR C 129 21.97 -24.25 -7.76
C TYR C 129 21.18 -25.01 -8.83
N PRO C 130 21.11 -26.36 -8.77
CA PRO C 130 20.31 -27.13 -9.72
C PRO C 130 18.80 -27.00 -9.50
N ASP C 131 18.02 -27.39 -10.51
CA ASP C 131 16.54 -27.32 -10.48
C ASP C 131 16.04 -28.26 -9.38
N LEU C 132 15.09 -27.79 -8.60
CA LEU C 132 14.38 -28.59 -7.60
C LEU C 132 13.26 -29.34 -8.32
N ILE C 133 12.93 -30.51 -7.82
CA ILE C 133 11.64 -31.17 -8.10
C ILE C 133 10.60 -30.32 -7.37
N ALA C 134 9.53 -29.99 -8.04
CA ALA C 134 8.44 -29.20 -7.45
C ALA C 134 7.51 -30.20 -6.78
N ASP C 135 7.92 -30.77 -5.64
CA ASP C 135 7.13 -31.85 -5.01
C ASP C 135 6.30 -31.24 -3.91
N GLY C 136 6.47 -29.95 -3.58
CA GLY C 136 5.68 -29.39 -2.48
C GLY C 136 6.29 -29.76 -1.10
N GLN C 137 7.49 -30.30 -1.06
CA GLN C 137 8.09 -30.76 0.21
C GLN C 137 9.37 -29.94 0.49
N ILE C 138 9.39 -29.25 1.62
CA ILE C 138 10.59 -28.47 2.07
C ILE C 138 11.55 -29.47 2.69
N GLY C 139 12.72 -29.66 2.11
CA GLY C 139 13.79 -30.48 2.65
C GLY C 139 15.11 -29.75 2.44
N PRO C 140 16.23 -30.42 2.76
CA PRO C 140 17.55 -29.83 2.61
C PRO C 140 17.81 -29.18 1.24
N ARG C 141 17.34 -29.77 0.15
CA ARG C 141 17.64 -29.20 -1.18
C ARG C 141 16.90 -27.87 -1.37
N THR C 142 15.63 -27.79 -1.01
CA THR C 142 14.84 -26.56 -1.19
C THR C 142 15.46 -25.48 -0.28
N LEU C 143 15.82 -25.85 0.95
CA LEU C 143 16.44 -24.91 1.93
C LEU C 143 17.77 -24.44 1.37
N SER C 144 18.58 -25.32 0.81
CA SER C 144 19.89 -24.94 0.25
C SER C 144 19.65 -24.01 -0.95
N ALA C 145 18.64 -24.27 -1.76
CA ALA C 145 18.33 -23.40 -2.92
C ALA C 145 17.92 -22.01 -2.41
N LEU C 146 17.09 -21.90 -1.38
CA LEU C 146 16.68 -20.59 -0.88
C LEU C 146 17.94 -19.88 -0.35
N THR C 147 18.82 -20.61 0.36
CA THR C 147 20.06 -20.04 0.93
C THR C 147 20.91 -19.44 -0.21
N PHE C 148 21.13 -20.17 -1.30
CA PHE C 148 21.96 -19.66 -2.43
C PHE C 148 21.24 -18.51 -3.15
N PHE C 149 19.93 -18.57 -3.33
CA PHE C 149 19.20 -17.46 -3.96
C PHE C 149 19.40 -16.16 -3.14
N LEU C 150 19.23 -16.25 -1.82
CA LEU C 150 19.34 -15.09 -0.90
C LEU C 150 20.79 -14.63 -0.73
N SER C 151 21.78 -15.47 -0.97
CA SER C 151 23.23 -15.17 -0.99
C SER C 151 23.58 -13.92 -1.82
N HIS C 152 22.99 -13.69 -3.00
CA HIS C 152 23.15 -12.40 -3.75
CA HIS C 152 23.16 -12.40 -3.73
C HIS C 152 21.89 -11.53 -3.59
N ARG C 153 22.06 -10.38 -2.92
CA ARG C 153 21.04 -9.31 -2.74
C ARG C 153 19.87 -9.82 -1.92
N ARG C 154 20.17 -10.13 -0.67
CA ARG C 154 19.23 -10.79 0.27
C ARG C 154 17.89 -10.04 0.32
N ASP C 155 17.99 -8.73 0.56
CA ASP C 155 16.87 -7.76 0.69
C ASP C 155 15.94 -7.85 -0.53
N GLU C 156 16.57 -7.63 -1.68
CA GLU C 156 15.85 -7.51 -2.95
C GLU C 156 15.24 -8.90 -3.24
N GLY C 157 16.00 -9.98 -3.11
CA GLY C 157 15.57 -11.36 -3.51
C GLY C 157 14.34 -11.80 -2.75
N GLU C 158 14.36 -11.62 -1.44
CA GLU C 158 13.26 -11.93 -0.53
C GLU C 158 11.99 -11.20 -0.98
N MET C 159 12.07 -9.90 -1.19
CA MET C 159 10.91 -9.07 -1.62
C MET C 159 10.39 -9.56 -2.98
N ILE C 160 11.29 -9.85 -3.90
CA ILE C 160 10.90 -10.26 -5.29
C ILE C 160 10.24 -11.64 -5.23
N LEU C 161 10.77 -12.56 -4.43
CA LEU C 161 10.21 -13.93 -4.32
C LEU C 161 8.82 -13.84 -3.69
N ILE C 162 8.61 -12.94 -2.73
CA ILE C 162 7.26 -12.81 -2.13
C ILE C 162 6.28 -12.20 -3.15
N ARG C 163 6.78 -11.32 -4.01
CA ARG C 163 5.93 -10.69 -5.04
C ARG C 163 5.56 -11.76 -6.08
N ALA C 164 6.52 -12.62 -6.41
CA ALA C 164 6.26 -13.75 -7.34
C ALA C 164 5.21 -14.69 -6.75
N LEU C 165 5.35 -15.04 -5.47
CA LEU C 165 4.32 -15.92 -4.80
C LEU C 165 2.96 -15.25 -4.79
N ASN C 166 2.91 -13.93 -4.63
CA ASN C 166 1.62 -13.21 -4.66
C ASN C 166 1.00 -13.28 -6.06
N CYS C 167 1.83 -13.17 -7.09
CA CYS C 167 1.35 -13.31 -8.50
C CYS C 167 0.70 -14.70 -8.70
N SER C 168 1.42 -15.77 -8.34
CA SER C 168 0.87 -17.17 -8.46
C SER C 168 -0.45 -17.26 -7.70
N GLN C 169 -0.50 -16.75 -6.48
CA GLN C 169 -1.69 -16.93 -5.59
C GLN C 169 -2.82 -16.08 -6.15
N GLY C 170 -2.52 -14.87 -6.64
CA GLY C 170 -3.57 -14.02 -7.23
C GLY C 170 -4.19 -14.64 -8.44
N GLN C 171 -3.37 -15.21 -9.32
CA GLN C 171 -3.94 -15.90 -10.52
C GLN C 171 -4.76 -17.09 -10.05
N ARG C 172 -4.29 -17.80 -9.01
CA ARG C 172 -5.04 -18.98 -8.51
C ARG C 172 -6.38 -18.51 -7.98
N TYR C 173 -6.43 -17.35 -7.31
CA TYR C 173 -7.75 -16.83 -6.82
C TYR C 173 -8.67 -16.53 -8.00
N LEU C 174 -8.12 -16.06 -9.12
CA LEU C 174 -8.99 -15.81 -10.31
C LEU C 174 -9.67 -17.14 -10.69
N GLU C 175 -8.87 -18.18 -10.83
CA GLU C 175 -9.33 -19.51 -11.31
C GLU C 175 -10.33 -20.10 -10.31
N LEU C 176 -10.08 -19.98 -9.01
CA LEU C 176 -11.00 -20.45 -7.97
C LEU C 176 -12.30 -19.64 -8.00
N ALA C 177 -12.24 -18.31 -8.09
CA ALA C 177 -13.46 -17.48 -8.16
C ALA C 177 -14.28 -17.87 -9.38
N GLU C 178 -13.63 -18.18 -10.48
CA GLU C 178 -14.31 -18.57 -11.74
C GLU C 178 -15.04 -19.89 -11.55
N LYS C 179 -14.53 -20.82 -10.75
CA LYS C 179 -15.22 -22.11 -10.49
C LYS C 179 -16.13 -21.99 -9.26
N ARG C 180 -16.39 -20.80 -8.74
CA ARG C 180 -17.20 -20.59 -7.49
C ARG C 180 -16.56 -21.26 -6.26
N GLN C 181 -15.25 -21.51 -6.24
CA GLN C 181 -14.50 -22.11 -5.10
C GLN C 181 -13.82 -21.02 -4.27
N ALA C 182 -14.10 -19.75 -4.54
CA ALA C 182 -13.58 -18.62 -3.73
C ALA C 182 -14.57 -17.49 -3.90
N ASN C 183 -14.77 -16.81 -2.79
CA ASN C 183 -15.68 -15.68 -2.68
C ASN C 183 -15.03 -14.47 -3.41
N GLU C 184 -15.79 -13.76 -4.22
CA GLU C 184 -15.34 -12.61 -5.02
C GLU C 184 -14.95 -11.43 -4.12
N SER C 185 -15.76 -11.11 -3.12
CA SER C 185 -15.42 -10.10 -2.07
C SER C 185 -14.12 -10.48 -1.37
N PHE C 186 -13.92 -11.75 -1.09
CA PHE C 186 -12.68 -12.18 -0.41
C PHE C 186 -11.50 -11.82 -1.37
N VAL C 187 -11.60 -12.20 -2.65
CA VAL C 187 -10.48 -12.03 -3.62
C VAL C 187 -10.20 -10.53 -3.79
N TYR C 188 -11.24 -9.72 -3.95
CA TYR C 188 -11.09 -8.25 -4.09
C TYR C 188 -10.38 -7.72 -2.82
N GLY C 189 -10.79 -8.15 -1.61
CA GLY C 189 -10.21 -7.71 -0.32
C GLY C 189 -8.79 -8.16 -0.18
N TRP C 190 -8.51 -9.36 -0.66
CA TRP C 190 -7.15 -9.96 -0.60
C TRP C 190 -6.18 -9.09 -1.42
N ILE C 191 -6.58 -8.64 -2.62
CA ILE C 191 -5.70 -7.81 -3.47
C ILE C 191 -5.60 -6.43 -2.83
N LYS C 192 -6.71 -5.91 -2.37
CA LYS C 192 -6.79 -4.55 -1.77
C LYS C 192 -5.80 -4.44 -0.62
N GLU C 193 -5.79 -5.42 0.28
CA GLU C 193 -4.86 -5.44 1.44
C GLU C 193 -3.41 -5.38 0.97
N ARG C 194 -3.13 -5.78 -0.27
CA ARG C 194 -1.72 -5.93 -0.72
C ARG C 194 -1.28 -4.82 -1.69
N VAL C 195 -2.21 -3.95 -2.09
CA VAL C 195 -1.83 -2.81 -2.99
C VAL C 195 -0.78 -1.92 -2.29
N ARG C 196 0.33 -1.69 -2.98
CA ARG C 196 1.47 -0.88 -2.52
C ARG C 196 1.98 -0.03 -3.70
N LEU C 197 2.80 1.00 -3.42
CA LEU C 197 3.39 1.86 -4.51
C LEU C 197 4.83 1.46 -4.94
N HIS D 8 21.36 10.84 15.40
CA HIS D 8 20.60 9.55 15.36
C HIS D 8 21.00 8.76 14.09
N HIS D 9 20.06 8.05 13.45
CA HIS D 9 20.34 7.20 12.26
C HIS D 9 19.21 7.42 11.20
N SER D 10 19.17 8.60 10.56
CA SER D 10 18.14 8.98 9.54
C SER D 10 18.58 8.56 8.12
N SER D 11 19.47 7.55 7.99
CA SER D 11 20.43 7.38 6.85
C SER D 11 19.81 6.60 5.66
N GLY D 12 18.76 5.83 5.91
CA GLY D 12 18.13 4.92 4.92
C GLY D 12 16.72 4.54 5.35
N LEU D 13 15.84 4.27 4.37
CA LEU D 13 14.46 3.83 4.63
C LEU D 13 14.40 2.32 4.84
N VAL D 14 13.61 1.93 5.83
CA VAL D 14 13.46 0.50 6.23
C VAL D 14 12.04 0.13 5.86
N PRO D 15 11.76 -1.08 5.37
CA PRO D 15 10.39 -1.47 5.00
C PRO D 15 9.45 -1.22 6.20
N ARG D 16 8.21 -0.75 5.91
CA ARG D 16 7.18 -0.53 6.95
C ARG D 16 7.02 -1.85 7.75
N GLY D 17 6.95 -1.76 9.07
CA GLY D 17 6.67 -2.92 9.94
C GLY D 17 7.90 -3.78 10.16
N SER D 18 9.11 -3.28 9.82
CA SER D 18 10.38 -3.96 10.13
C SER D 18 10.39 -4.28 11.64
N THR D 19 10.92 -5.43 12.02
CA THR D 19 11.13 -5.83 13.44
C THR D 19 12.28 -5.03 14.07
N LYS D 20 12.42 -5.09 15.40
CA LYS D 20 13.58 -4.49 16.11
C LYS D 20 14.88 -5.00 15.50
N ASP D 21 15.00 -6.33 15.35
CA ASP D 21 16.23 -6.97 14.81
C ASP D 21 16.58 -6.40 13.43
N GLU D 22 15.59 -6.22 12.55
CA GLU D 22 15.86 -5.72 11.20
C GLU D 22 16.19 -4.23 11.25
N ILE D 23 15.58 -3.47 12.18
CA ILE D 23 15.87 -2.02 12.25
C ILE D 23 17.34 -1.89 12.58
N PHE D 24 17.80 -2.65 13.56
CA PHE D 24 19.20 -2.52 14.03
C PHE D 24 20.17 -3.11 13.00
N ALA D 25 19.80 -4.26 12.43
CA ALA D 25 20.62 -4.91 11.35
C ALA D 25 20.82 -3.88 10.24
N ALA D 26 19.78 -3.13 9.83
CA ALA D 26 19.89 -2.18 8.72
C ALA D 26 20.88 -1.06 9.08
N ILE D 27 20.88 -0.60 10.33
CA ILE D 27 21.83 0.45 10.76
C ILE D 27 23.24 -0.12 10.68
N LEU D 28 23.45 -1.34 11.20
CA LEU D 28 24.82 -1.92 11.28
C LEU D 28 25.39 -2.17 9.87
N SER D 29 24.54 -2.44 8.87
CA SER D 29 25.00 -2.66 7.47
C SER D 29 25.28 -1.31 6.80
N ARG D 30 24.31 -0.39 6.76
CA ARG D 30 24.48 0.91 6.09
C ARG D 30 25.61 1.73 6.74
N GLU D 31 25.99 1.50 7.99
CA GLU D 31 27.04 2.34 8.66
C GLU D 31 28.20 1.46 9.12
N GLY D 32 28.40 0.30 8.48
CA GLY D 32 29.38 -0.73 8.89
C GLY D 32 30.81 -0.21 8.95
N GLY D 33 31.61 -0.68 9.92
CA GLY D 33 33.02 -0.34 10.13
C GLY D 33 33.25 1.15 10.40
N TYR D 34 34.48 1.61 10.12
CA TYR D 34 34.98 2.99 10.35
C TYR D 34 34.36 3.89 9.29
N VAL D 35 33.81 5.03 9.69
CA VAL D 35 33.30 6.09 8.78
C VAL D 35 33.66 7.43 9.43
N ASP D 36 34.39 8.29 8.74
CA ASP D 36 34.76 9.63 9.28
C ASP D 36 33.53 10.56 9.23
N HIS D 37 33.42 11.46 10.21
CA HIS D 37 32.45 12.58 10.25
C HIS D 37 33.18 13.73 10.92
N PRO D 38 32.81 15.01 10.65
CA PRO D 38 33.51 16.14 11.25
C PRO D 38 33.37 16.17 12.79
N ASP D 39 34.36 16.73 13.50
CA ASP D 39 34.42 16.69 15.00
C ASP D 39 33.17 17.34 15.60
N ASP D 40 32.58 18.35 14.94
CA ASP D 40 31.39 19.09 15.43
C ASP D 40 30.11 18.26 15.27
N ARG D 41 30.18 17.02 14.75
CA ARG D 41 28.99 16.15 14.48
C ARG D 41 29.15 14.78 15.19
N GLY D 42 29.90 14.73 16.28
CA GLY D 42 30.15 13.50 17.07
C GLY D 42 31.45 12.83 16.68
N GLY D 43 32.10 13.32 15.60
CA GLY D 43 33.34 12.75 15.04
C GLY D 43 33.12 11.37 14.41
N PRO D 44 34.20 10.57 14.29
CA PRO D 44 34.14 9.31 13.56
C PRO D 44 33.28 8.22 14.23
N THR D 45 32.57 7.43 13.42
CA THR D 45 31.68 6.33 13.87
C THR D 45 32.34 5.00 13.53
N HIS D 46 32.09 4.01 14.37
CA HIS D 46 32.35 2.58 14.08
C HIS D 46 31.04 1.83 14.25
N TRP D 47 30.56 1.22 13.16
CA TRP D 47 29.28 0.48 13.15
C TRP D 47 28.14 1.45 13.52
N GLY D 48 28.30 2.74 13.20
CA GLY D 48 27.31 3.79 13.43
C GLY D 48 27.36 4.35 14.85
N ILE D 49 28.35 3.93 15.64
CA ILE D 49 28.42 4.35 17.06
C ILE D 49 29.47 5.45 17.19
N THR D 50 29.08 6.60 17.77
CA THR D 50 30.06 7.68 18.04
C THR D 50 30.83 7.33 19.31
N LEU D 51 31.98 7.97 19.51
CA LEU D 51 32.76 7.73 20.74
C LEU D 51 31.90 8.15 21.94
N THR D 52 31.23 9.30 21.83
CA THR D 52 30.37 9.77 22.96
C THR D 52 29.33 8.69 23.29
N THR D 53 28.64 8.14 22.27
CA THR D 53 27.57 7.12 22.45
C THR D 53 28.16 5.87 23.10
N ALA D 54 29.33 5.45 22.63
CA ALA D 54 29.98 4.24 23.16
C ALA D 54 30.33 4.45 24.63
N ARG D 55 30.99 5.56 24.93
CA ARG D 55 31.43 5.81 26.32
C ARG D 55 30.21 5.94 27.24
N ALA D 56 29.16 6.63 26.78
CA ALA D 56 27.96 6.84 27.61
C ALA D 56 27.35 5.49 27.97
N ASN D 57 27.58 4.47 27.15
CA ASN D 57 27.01 3.11 27.34
C ASN D 57 28.04 2.16 27.97
N GLY D 58 29.20 2.67 28.41
CA GLY D 58 30.19 1.88 29.17
C GLY D 58 31.25 1.20 28.31
N TYR D 59 31.39 1.57 27.04
CA TYR D 59 32.51 1.02 26.25
C TYR D 59 33.74 1.88 26.44
N MET D 60 34.72 1.34 27.16
CA MET D 60 35.92 2.10 27.56
C MET D 60 37.11 1.73 26.66
N GLY D 61 36.88 0.92 25.63
CA GLY D 61 37.98 0.46 24.77
C GLY D 61 38.26 1.39 23.61
N ASP D 62 38.96 0.88 22.60
CA ASP D 62 39.27 1.70 21.40
C ASP D 62 38.16 1.50 20.37
N MET D 63 37.81 2.56 19.66
CA MET D 63 36.70 2.50 18.68
C MET D 63 37.01 1.46 17.59
N ARG D 64 38.27 1.38 17.18
CA ARG D 64 38.65 0.45 16.08
C ARG D 64 38.41 -0.99 16.52
N ASN D 65 38.48 -1.26 17.82
CA ASN D 65 38.31 -2.64 18.33
C ASN D 65 36.85 -2.90 18.70
N LEU D 66 35.95 -1.93 18.47
CA LEU D 66 34.51 -2.16 18.74
C LEU D 66 33.98 -3.16 17.72
N THR D 67 33.43 -4.26 18.21
CA THR D 67 32.87 -5.32 17.34
C THR D 67 31.44 -4.93 16.92
N ARG D 68 30.97 -5.51 15.81
CA ARG D 68 29.57 -5.40 15.37
C ARG D 68 28.64 -5.79 16.53
N ASN D 69 28.97 -6.84 17.27
CA ASN D 69 28.10 -7.32 18.36
C ASN D 69 28.03 -6.31 19.51
N GLN D 70 29.12 -5.62 19.82
CA GLN D 70 29.12 -4.60 20.89
C GLN D 70 28.27 -3.41 20.44
N ALA D 71 28.38 -3.02 19.17
CA ALA D 71 27.60 -1.92 18.57
C ALA D 71 26.11 -2.25 18.69
N LEU D 72 25.73 -3.51 18.50
CA LEU D 72 24.29 -3.89 18.55
C LEU D 72 23.76 -3.65 19.96
N LYS D 73 24.52 -4.04 20.97
CA LYS D 73 24.09 -3.87 22.38
C LYS D 73 23.87 -2.38 22.68
N ILE D 74 24.77 -1.51 22.20
CA ILE D 74 24.66 -0.05 22.44
C ILE D 74 23.38 0.46 21.78
N LEU D 75 23.14 0.04 20.54
CA LEU D 75 21.91 0.45 19.82
C LEU D 75 20.69 -0.01 20.62
N GLU D 76 20.70 -1.25 21.11
CA GLU D 76 19.52 -1.81 21.80
C GLU D 76 19.31 -1.09 23.14
N ALA D 77 20.41 -0.66 23.76
CA ALA D 77 20.32 0.07 25.04
C ALA D 77 19.71 1.44 24.80
N ASP D 78 20.16 2.14 23.76
CA ASP D 78 19.68 3.52 23.54
C ASP D 78 18.29 3.54 22.89
N TYR D 79 17.95 2.55 22.07
CA TYR D 79 16.70 2.62 21.27
C TYR D 79 15.68 1.54 21.59
N TRP D 80 15.98 0.64 22.53
CA TRP D 80 15.03 -0.45 22.84
C TRP D 80 14.84 -0.64 24.35
N TYR D 81 15.91 -1.03 25.05
CA TYR D 81 15.79 -1.31 26.51
C TYR D 81 15.67 -0.01 27.30
N GLY D 82 16.48 1.00 26.95
CA GLY D 82 16.41 2.31 27.63
C GLY D 82 15.02 2.90 27.60
N PRO D 83 14.40 3.05 26.42
CA PRO D 83 13.01 3.51 26.34
C PRO D 83 11.95 2.50 26.80
N ARG D 84 12.36 1.31 27.22
CA ARG D 84 11.42 0.28 27.75
C ARG D 84 10.46 -0.23 26.66
N LEU D 85 10.93 -0.28 25.41
CA LEU D 85 10.12 -0.80 24.29
C LEU D 85 9.96 -2.32 24.44
N ASP D 86 10.85 -2.96 25.20
CA ASP D 86 10.72 -4.41 25.49
C ASP D 86 9.43 -4.65 26.26
N GLN D 87 9.09 -3.76 27.18
CA GLN D 87 7.86 -3.89 27.99
C GLN D 87 6.63 -3.61 27.12
N VAL D 88 6.74 -2.65 26.20
CA VAL D 88 5.62 -2.38 25.26
C VAL D 88 5.42 -3.63 24.40
N ALA D 89 6.54 -4.20 23.96
CA ALA D 89 6.48 -5.34 23.02
C ALA D 89 5.68 -6.51 23.62
N ILE D 90 5.74 -6.72 24.92
CA ILE D 90 4.94 -7.77 25.62
C ILE D 90 3.46 -7.50 25.33
N ILE D 91 3.01 -6.25 25.27
CA ILE D 91 1.56 -5.95 25.05
C ILE D 91 1.27 -5.90 23.53
N SER D 92 2.17 -5.32 22.72
CA SER D 92 1.99 -5.16 21.25
C SER D 92 3.37 -5.06 20.60
N HIS D 93 3.81 -6.10 19.92
CA HIS D 93 5.12 -6.10 19.24
C HIS D 93 5.06 -5.06 18.10
N SER D 94 3.91 -4.83 17.50
CA SER D 94 3.84 -3.94 16.32
C SER D 94 3.94 -2.47 16.78
N ILE D 95 3.30 -2.08 17.86
CA ILE D 95 3.48 -0.71 18.41
C ILE D 95 4.95 -0.51 18.83
N ALA D 96 5.55 -1.47 19.51
CA ALA D 96 6.96 -1.39 19.99
C ALA D 96 7.91 -1.21 18.81
N ALA D 97 7.76 -2.01 17.77
CA ALA D 97 8.55 -1.90 16.51
C ALA D 97 8.37 -0.53 15.86
N GLU D 98 7.16 0.02 15.85
CA GLU D 98 6.89 1.35 15.25
C GLU D 98 7.61 2.44 16.06
N LEU D 99 7.45 2.41 17.38
CA LEU D 99 8.13 3.39 18.28
C LEU D 99 9.65 3.26 18.12
N CYS D 100 10.18 2.07 17.90
CA CYS D 100 11.63 1.83 17.77
C CYS D 100 12.12 2.48 16.48
N ASP D 101 11.44 2.26 15.37
CA ASP D 101 11.80 2.82 14.05
C ASP D 101 11.78 4.34 14.12
N THR D 102 10.75 4.93 14.69
CA THR D 102 10.68 6.39 14.81
C THR D 102 11.77 6.87 15.77
N GLY D 103 12.03 6.11 16.86
CA GLY D 103 13.01 6.52 17.88
C GLY D 103 14.40 6.63 17.28
N VAL D 104 14.76 5.69 16.42
CA VAL D 104 16.07 5.63 15.74
C VAL D 104 16.26 6.88 14.89
N ASN D 105 15.19 7.42 14.31
CA ASN D 105 15.21 8.56 13.37
C ASN D 105 15.18 9.88 14.15
N MET D 106 14.39 9.98 15.20
N MET D 106 14.37 9.94 15.20
CA MET D 106 14.08 11.27 15.85
CA MET D 106 13.84 11.17 15.82
C MET D 106 14.59 11.30 17.29
C MET D 106 14.42 11.26 17.26
N GLY D 107 15.00 10.20 17.88
CA GLY D 107 15.22 10.14 19.35
C GLY D 107 14.00 9.56 20.04
N PRO D 108 14.15 8.61 20.96
CA PRO D 108 13.02 7.82 21.44
C PRO D 108 11.93 8.59 22.13
N SER D 109 12.27 9.69 22.79
CA SER D 109 11.24 10.40 23.58
C SER D 109 10.19 11.04 22.65
N ILE D 110 10.55 11.44 21.43
CA ILE D 110 9.55 12.11 20.51
C ILE D 110 8.34 11.21 20.28
N PRO D 111 8.50 10.00 19.70
CA PRO D 111 7.34 9.12 19.42
C PRO D 111 6.65 8.67 20.69
N ILE D 112 7.38 8.54 21.80
CA ILE D 112 6.72 8.11 23.06
C ILE D 112 5.79 9.20 23.53
N LYS D 113 6.18 10.46 23.43
CA LYS D 113 5.25 11.54 23.85
C LYS D 113 4.03 11.56 22.94
N TYR D 114 4.18 11.42 21.60
CA TYR D 114 3.00 11.32 20.71
C TYR D 114 2.12 10.16 21.12
N PHE D 115 2.76 9.05 21.47
CA PHE D 115 2.04 7.83 21.91
C PHE D 115 1.18 8.14 23.13
N GLN D 116 1.80 8.80 24.14
CA GLN D 116 1.04 9.14 25.37
C GLN D 116 -0.08 10.14 25.01
N ARG D 117 0.20 11.14 24.18
CA ARG D 117 -0.86 12.13 23.83
C ARG D 117 -2.03 11.45 23.14
N TRP D 118 -1.74 10.53 22.24
CA TRP D 118 -2.85 9.82 21.55
C TRP D 118 -3.61 8.91 22.53
N LEU D 119 -2.91 8.22 23.45
CA LEU D 119 -3.64 7.43 24.46
C LEU D 119 -4.58 8.35 25.24
N ASN D 120 -4.21 9.59 25.47
CA ASN D 120 -5.05 10.49 26.30
C ASN D 120 -6.33 10.87 25.55
N VAL D 121 -6.26 11.02 24.23
CA VAL D 121 -7.46 11.39 23.42
C VAL D 121 -8.41 10.20 23.38
N PHE D 122 -7.87 8.99 23.30
CA PHE D 122 -8.72 7.77 23.14
C PHE D 122 -9.17 7.20 24.48
N ASN D 123 -9.01 7.93 25.59
CA ASN D 123 -9.49 7.47 26.92
C ASN D 123 -10.84 8.12 27.21
N ASP D 124 -11.55 8.56 26.16
CA ASP D 124 -12.84 9.27 26.33
C ASP D 124 -12.54 10.53 27.13
N GLN D 125 -13.25 10.71 28.24
CA GLN D 125 -12.91 11.84 29.13
C GLN D 125 -12.39 11.23 30.43
N GLN D 126 -11.35 10.40 30.32
CA GLN D 126 -10.73 9.75 31.51
C GLN D 126 -11.66 8.66 32.05
N LYS D 127 -12.46 8.05 31.17
CA LYS D 127 -13.43 7.01 31.60
C LYS D 127 -12.77 5.63 31.50
N ILE D 128 -11.90 5.42 30.49
CA ILE D 128 -11.27 4.07 30.28
C ILE D 128 -10.04 3.92 31.15
N TYR D 129 -9.41 5.05 31.49
CA TYR D 129 -8.12 5.20 32.25
C TYR D 129 -7.88 6.72 32.38
N PRO D 130 -7.15 7.18 33.42
CA PRO D 130 -6.85 8.61 33.56
C PRO D 130 -5.78 9.10 32.55
N ASP D 131 -5.70 10.41 32.36
CA ASP D 131 -4.73 11.07 31.46
C ASP D 131 -3.33 10.77 31.95
N LEU D 132 -2.42 10.44 31.04
CA LEU D 132 -0.99 10.26 31.33
C LEU D 132 -0.34 11.63 31.28
N ILE D 133 0.70 11.83 32.05
CA ILE D 133 1.68 12.90 31.78
C ILE D 133 2.43 12.47 30.52
N ALA D 134 2.53 13.36 29.54
CA ALA D 134 3.31 13.11 28.31
C ALA D 134 4.75 13.42 28.62
N ASP D 135 5.44 12.54 29.37
CA ASP D 135 6.83 12.80 29.80
C ASP D 135 7.78 12.10 28.84
N GLY D 136 7.29 11.27 27.90
CA GLY D 136 8.22 10.55 27.01
C GLY D 136 8.83 9.33 27.67
N GLN D 137 8.31 8.96 28.84
CA GLN D 137 8.88 7.83 29.61
C GLN D 137 7.87 6.69 29.70
N ILE D 138 8.28 5.51 29.25
CA ILE D 138 7.40 4.32 29.34
C ILE D 138 7.49 3.77 30.75
N GLY D 139 6.36 3.70 31.44
CA GLY D 139 6.32 3.09 32.76
C GLY D 139 5.00 2.39 33.00
N PRO D 140 4.77 1.88 34.22
CA PRO D 140 3.54 1.15 34.52
C PRO D 140 2.25 1.87 34.12
N ARG D 141 2.18 3.19 34.31
CA ARG D 141 0.91 3.89 33.94
C ARG D 141 0.72 3.86 32.41
N THR D 142 1.74 4.12 31.63
CA THR D 142 1.61 4.16 30.14
C THR D 142 1.27 2.74 29.68
N LEU D 143 1.95 1.73 30.23
CA LEU D 143 1.69 0.31 29.91
C LEU D 143 0.25 -0.03 30.29
N SER D 144 -0.22 0.39 31.45
CA SER D 144 -1.61 0.08 31.88
C SER D 144 -2.59 0.79 30.95
N ALA D 145 -2.28 2.02 30.53
CA ALA D 145 -3.19 2.74 29.62
C ALA D 145 -3.22 2.00 28.27
N LEU D 146 -2.11 1.53 27.74
CA LEU D 146 -2.13 0.80 26.47
C LEU D 146 -2.96 -0.48 26.65
N THR D 147 -2.80 -1.18 27.78
CA THR D 147 -3.54 -2.44 28.06
C THR D 147 -5.04 -2.14 28.06
N PHE D 148 -5.50 -1.10 28.75
CA PHE D 148 -6.95 -0.77 28.80
C PHE D 148 -7.44 -0.25 27.43
N PHE D 149 -6.63 0.49 26.69
CA PHE D 149 -7.03 0.93 25.33
C PHE D 149 -7.26 -0.31 24.44
N LEU D 150 -6.33 -1.25 24.45
CA LEU D 150 -6.38 -2.47 23.61
C LEU D 150 -7.47 -3.46 24.10
N SER D 151 -7.90 -3.41 25.37
CA SER D 151 -8.99 -4.30 25.85
C SER D 151 -10.30 -3.94 25.13
N HIS D 152 -10.46 -2.76 24.53
CA HIS D 152 -11.57 -2.44 23.59
C HIS D 152 -11.09 -2.55 22.12
N ARG D 153 -11.45 -3.64 21.45
CA ARG D 153 -11.16 -3.85 20.00
C ARG D 153 -9.67 -3.85 19.72
N ARG D 154 -8.99 -4.90 20.14
CA ARG D 154 -7.50 -4.92 20.07
C ARG D 154 -7.00 -4.60 18.67
N ASP D 155 -7.37 -5.40 17.67
CA ASP D 155 -6.81 -5.23 16.30
C ASP D 155 -7.06 -3.81 15.81
N GLU D 156 -8.33 -3.38 15.86
CA GLU D 156 -8.69 -2.02 15.40
C GLU D 156 -7.82 -1.00 16.14
N GLY D 157 -7.80 -1.07 17.47
CA GLY D 157 -7.03 -0.10 18.30
C GLY D 157 -5.58 -0.01 17.89
N GLU D 158 -4.90 -1.16 17.83
CA GLU D 158 -3.48 -1.18 17.45
C GLU D 158 -3.31 -0.49 16.10
N MET D 159 -4.14 -0.88 15.12
CA MET D 159 -4.06 -0.30 13.75
C MET D 159 -4.28 1.20 13.82
N ILE D 160 -5.30 1.62 14.57
CA ILE D 160 -5.70 3.05 14.61
C ILE D 160 -4.58 3.85 15.32
N LEU D 161 -4.03 3.34 16.42
CA LEU D 161 -2.98 4.03 17.18
C LEU D 161 -1.72 4.11 16.29
N ILE D 162 -1.43 3.11 15.47
CA ILE D 162 -0.24 3.18 14.58
C ILE D 162 -0.50 4.22 13.48
N ARG D 163 -1.73 4.28 12.98
CA ARG D 163 -2.10 5.33 11.99
C ARG D 163 -1.92 6.72 12.62
N ALA D 164 -2.38 6.89 13.86
CA ALA D 164 -2.29 8.18 14.60
C ALA D 164 -0.83 8.57 14.77
N LEU D 165 0.01 7.62 15.18
CA LEU D 165 1.46 7.87 15.30
C LEU D 165 2.06 8.24 13.96
N ASN D 166 1.61 7.62 12.89
CA ASN D 166 2.11 7.92 11.53
C ASN D 166 1.77 9.37 11.16
N CYS D 167 0.59 9.82 11.56
CA CYS D 167 0.13 11.20 11.30
C CYS D 167 1.06 12.19 12.04
N SER D 168 1.30 11.97 13.35
CA SER D 168 2.19 12.86 14.14
C SER D 168 3.58 12.90 13.48
N GLN D 169 4.09 11.73 13.09
CA GLN D 169 5.49 11.61 12.59
C GLN D 169 5.55 12.27 11.21
N GLY D 170 4.53 12.07 10.38
CA GLY D 170 4.53 12.68 9.05
C GLY D 170 4.50 14.18 9.13
N GLN D 171 3.69 14.73 10.02
CA GLN D 171 3.66 16.21 10.18
C GLN D 171 5.02 16.66 10.68
N ARG D 172 5.65 15.88 11.57
CA ARG D 172 6.96 16.30 12.12
C ARG D 172 7.96 16.29 10.96
N TYR D 173 7.87 15.34 10.03
CA TYR D 173 8.79 15.31 8.87
C TYR D 173 8.59 16.56 8.00
N LEU D 174 7.35 17.06 7.89
CA LEU D 174 7.13 18.30 7.13
C LEU D 174 7.93 19.41 7.80
N GLU D 175 7.79 19.55 9.12
CA GLU D 175 8.43 20.66 9.89
C GLU D 175 9.95 20.52 9.80
N LEU D 176 10.50 19.32 9.90
CA LEU D 176 11.96 19.09 9.78
C LEU D 176 12.41 19.42 8.35
N ALA D 177 11.72 18.94 7.32
CA ALA D 177 12.09 19.25 5.91
C ALA D 177 12.10 20.74 5.69
N GLU D 178 11.14 21.46 6.27
CA GLU D 178 11.03 22.93 6.11
C GLU D 178 12.27 23.62 6.73
N LYS D 179 12.79 23.11 7.85
CA LYS D 179 14.00 23.69 8.49
C LYS D 179 15.28 23.06 7.90
N ARG D 180 15.21 22.30 6.82
CA ARG D 180 16.39 21.60 6.22
C ARG D 180 17.02 20.61 7.21
N GLN D 181 16.27 20.07 8.20
CA GLN D 181 16.76 19.07 9.17
C GLN D 181 16.34 17.65 8.73
N ALA D 182 15.72 17.50 7.55
CA ALA D 182 15.33 16.19 7.01
C ALA D 182 15.33 16.33 5.50
N ASN D 183 15.79 15.26 4.87
CA ASN D 183 15.97 15.20 3.41
C ASN D 183 14.57 15.03 2.79
N GLU D 184 14.27 15.75 1.72
CA GLU D 184 12.92 15.77 1.09
C GLU D 184 12.67 14.43 0.40
N SER D 185 13.67 13.87 -0.31
CA SER D 185 13.60 12.51 -0.89
C SER D 185 13.29 11.48 0.19
N PHE D 186 13.93 11.60 1.35
CA PHE D 186 13.66 10.68 2.46
C PHE D 186 12.16 10.77 2.81
N VAL D 187 11.65 11.99 3.02
CA VAL D 187 10.26 12.21 3.51
C VAL D 187 9.28 11.64 2.46
N TYR D 188 9.49 11.96 1.19
CA TYR D 188 8.64 11.44 0.10
C TYR D 188 8.67 9.91 0.13
N GLY D 189 9.85 9.28 0.26
CA GLY D 189 10.01 7.80 0.28
C GLY D 189 9.39 7.19 1.52
N TRP D 190 9.47 7.91 2.64
CA TRP D 190 8.85 7.46 3.89
C TRP D 190 7.34 7.36 3.73
N ILE D 191 6.70 8.35 3.14
CA ILE D 191 5.23 8.30 2.95
C ILE D 191 4.89 7.22 1.93
N LYS D 192 5.65 7.20 0.84
CA LYS D 192 5.44 6.24 -0.27
C LYS D 192 5.40 4.80 0.26
N GLU D 193 6.38 4.43 1.08
CA GLU D 193 6.43 3.08 1.66
C GLU D 193 5.17 2.78 2.47
N ARG D 194 4.44 3.79 2.92
CA ARG D 194 3.33 3.53 3.87
C ARG D 194 1.95 3.70 3.22
N VAL D 195 1.91 4.14 1.96
CA VAL D 195 0.61 4.33 1.26
C VAL D 195 -0.14 3.00 1.18
N ARG D 196 -1.39 2.99 1.60
CA ARG D 196 -2.21 1.77 1.55
C ARG D 196 -3.61 2.15 1.04
N LEU D 197 -4.43 1.16 0.70
CA LEU D 197 -5.83 1.43 0.34
C LEU D 197 -6.70 1.05 1.54
#